data_5ZDQ
#
_entry.id   5ZDQ
#
_cell.length_a   228.017
_cell.length_b   137.920
_cell.length_c   63.058
_cell.angle_alpha   90.00
_cell.angle_beta   106.08
_cell.angle_gamma   90.00
#
_symmetry.space_group_name_H-M   'C 1 2 1'
#
loop_
_entity.id
_entity.type
_entity.pdbx_description
1 polymer 'Alternative oxidase, mitochondrial'
2 non-polymer 'FE (III) ION'
3 non-polymer 'HYDROXIDE ION'
4 non-polymer 3-chloro-5-[(2E)-3,7-dimethylocta-2,6-dien-1-yl]-4,6-dihydroxy-2-methylbenzaldehyde
5 non-polymer 'SULFATE ION'
6 non-polymer GLYCEROL
7 water water
#
_entity_poly.entity_id   1
_entity_poly.type   'polypeptide(L)'
_entity_poly.pdbx_seq_one_letter_code
;MFRNHASRITAAAAPWVLRTACRQKSDAKTPVWGHTQLNRLSFLETVPVVPLRVSDESSEDRPTWSLPDIENVAITHKKP
NGLVDTLAYRSVRTCRWLFDTFSLYRFGSITESKVISRCLFLETVAGVPGMVGGMLRHLSSLRYMTRDKGWINTLLVEAE
NERMHLMTFIELRQPGLPLRVSIIITQAIMYLFLLVAYVISPRFVHRFVGYLEEEAVITYTGVMRAIDEGRLRPTKNDVP
EVARVYWNLSKNATFRDLINVIRADEAEHRVVNHTFADMHEKRLQNSVNPFVVLKKNPEEMYSNQPSGKTRTDFGSEGAK
TASNVNKHV
;
_entity_poly.pdbx_strand_id   A,B,C,D
#
# COMPACT_ATOMS: atom_id res chain seq x y z
N VAL A 32 -20.98 -70.36 3.76
CA VAL A 32 -20.70 -71.82 3.94
C VAL A 32 -19.64 -72.29 2.95
N TRP A 33 -18.38 -72.05 3.31
CA TRP A 33 -17.24 -72.48 2.51
C TRP A 33 -16.25 -73.23 3.40
N GLY A 34 -16.35 -74.55 3.42
CA GLY A 34 -15.53 -75.39 4.29
C GLY A 34 -14.96 -76.59 3.58
N HIS A 35 -14.47 -77.56 4.36
CA HIS A 35 -13.73 -78.69 3.83
C HIS A 35 -14.54 -79.54 2.86
N THR A 36 -15.85 -79.61 3.08
CA THR A 36 -16.73 -80.40 2.23
C THR A 36 -16.76 -79.82 0.81
N GLN A 37 -16.78 -78.50 0.69
CA GLN A 37 -16.78 -77.86 -0.61
C GLN A 37 -15.37 -77.90 -1.21
N LEU A 38 -14.35 -77.75 -0.37
CA LEU A 38 -12.95 -77.80 -0.80
C LEU A 38 -12.58 -79.16 -1.34
N ASN A 39 -13.30 -80.19 -0.86
CA ASN A 39 -13.09 -81.57 -1.29
C ASN A 39 -13.91 -82.01 -2.48
N ARG A 40 -14.83 -81.18 -2.97
CA ARG A 40 -15.57 -81.54 -4.18
C ARG A 40 -14.70 -81.22 -5.40
N LEU A 41 -14.86 -81.97 -6.47
CA LEU A 41 -13.97 -81.87 -7.63
C LEU A 41 -14.28 -80.67 -8.48
N SER A 42 -15.57 -80.36 -8.59
CA SER A 42 -16.07 -79.34 -9.51
C SER A 42 -17.44 -78.84 -9.10
N PHE A 43 -17.67 -77.56 -9.30
CA PHE A 43 -18.98 -76.92 -9.08
C PHE A 43 -19.58 -76.51 -10.42
N LEU A 44 -19.17 -77.20 -11.49
CA LEU A 44 -19.64 -76.92 -12.85
C LEU A 44 -21.13 -77.12 -13.00
N GLU A 45 -21.67 -78.03 -12.18
CA GLU A 45 -23.09 -78.35 -12.17
C GLU A 45 -23.89 -77.19 -11.57
N THR A 46 -23.26 -76.33 -10.79
CA THR A 46 -24.03 -75.26 -10.15
C THR A 46 -24.20 -74.04 -11.04
N VAL A 47 -23.46 -73.93 -12.14
CA VAL A 47 -23.45 -72.67 -12.88
C VAL A 47 -24.85 -72.24 -13.38
N PRO A 48 -25.68 -73.19 -13.84
CA PRO A 48 -26.96 -72.71 -14.37
C PRO A 48 -27.91 -72.13 -13.31
N VAL A 49 -27.69 -72.43 -12.02
CA VAL A 49 -28.57 -71.90 -10.96
C VAL A 49 -28.01 -70.69 -10.20
N VAL A 50 -26.97 -70.03 -10.72
CA VAL A 50 -26.47 -68.82 -10.05
C VAL A 50 -26.84 -67.58 -10.88
N PRO A 51 -27.36 -66.55 -10.22
CA PRO A 51 -27.86 -65.41 -10.95
C PRO A 51 -26.73 -64.50 -11.42
N LEU A 52 -27.02 -63.77 -12.49
CA LEU A 52 -26.15 -62.74 -13.05
C LEU A 52 -26.50 -61.46 -12.31
N ARG A 53 -25.69 -61.13 -11.30
CA ARG A 53 -25.86 -59.92 -10.52
C ARG A 53 -24.78 -58.94 -10.88
N VAL A 54 -25.21 -57.69 -10.96
CA VAL A 54 -24.38 -56.63 -11.45
C VAL A 54 -23.28 -56.29 -10.41
N SER A 55 -23.55 -56.60 -9.15
CA SER A 55 -22.59 -56.38 -8.07
C SER A 55 -21.39 -57.33 -8.16
N ASP A 56 -21.56 -58.46 -8.84
CA ASP A 56 -20.47 -59.42 -9.02
C ASP A 56 -19.47 -59.06 -10.14
N GLU A 57 -19.78 -58.04 -10.93
CA GLU A 57 -18.95 -57.68 -12.07
C GLU A 57 -17.61 -57.12 -11.61
N SER A 58 -17.63 -56.45 -10.45
CA SER A 58 -16.41 -55.98 -9.79
C SER A 58 -16.15 -56.70 -8.46
N SER A 59 -14.96 -56.48 -7.93
CA SER A 59 -14.66 -56.72 -6.52
C SER A 59 -15.47 -55.76 -5.63
N GLU A 60 -15.45 -56.01 -4.33
CA GLU A 60 -16.14 -55.17 -3.34
C GLU A 60 -15.38 -53.91 -2.92
N ASP A 61 -14.28 -53.62 -3.60
CA ASP A 61 -13.55 -52.36 -3.37
C ASP A 61 -14.07 -51.24 -4.29
N ARG A 62 -15.18 -50.64 -3.88
CA ARG A 62 -15.88 -49.67 -4.71
C ARG A 62 -15.54 -48.25 -4.28
N PRO A 63 -15.34 -47.34 -5.25
CA PRO A 63 -15.21 -45.93 -4.87
C PRO A 63 -16.40 -45.49 -4.03
N THR A 64 -16.21 -44.46 -3.22
CA THR A 64 -17.26 -43.97 -2.33
C THR A 64 -17.18 -42.46 -2.32
N TRP A 65 -17.79 -41.84 -3.33
CA TRP A 65 -17.74 -40.40 -3.49
C TRP A 65 -19.04 -39.77 -3.02
N SER A 66 -18.92 -38.55 -2.50
CA SER A 66 -20.07 -37.71 -2.22
C SER A 66 -20.15 -36.68 -3.33
N LEU A 67 -21.29 -36.62 -4.01
CA LEU A 67 -21.45 -35.76 -5.17
C LEU A 67 -21.12 -34.29 -4.92
N PRO A 68 -21.67 -33.70 -3.84
CA PRO A 68 -21.44 -32.25 -3.67
C PRO A 68 -19.98 -31.91 -3.38
N ASP A 69 -19.24 -32.84 -2.78
CA ASP A 69 -17.80 -32.68 -2.61
C ASP A 69 -17.04 -32.86 -3.95
N ILE A 70 -17.25 -33.99 -4.63
CA ILE A 70 -16.49 -34.26 -5.87
C ILE A 70 -16.83 -33.28 -7.01
N GLU A 71 -17.97 -32.60 -6.88
CA GLU A 71 -18.28 -31.43 -7.72
C GLU A 71 -17.11 -30.46 -7.94
N ASN A 72 -16.26 -30.29 -6.93
CA ASN A 72 -15.16 -29.33 -6.99
C ASN A 72 -13.81 -29.98 -7.27
N VAL A 73 -13.82 -31.18 -7.86
CA VAL A 73 -12.60 -31.69 -8.46
C VAL A 73 -12.20 -30.66 -9.50
N ALA A 74 -10.91 -30.40 -9.60
CA ALA A 74 -10.41 -29.35 -10.44
C ALA A 74 -9.38 -29.86 -11.45
N ILE A 75 -9.05 -29.01 -12.40
CA ILE A 75 -8.07 -29.32 -13.43
C ILE A 75 -6.70 -28.85 -12.95
N THR A 76 -5.76 -29.80 -12.89
CA THR A 76 -4.38 -29.51 -12.46
C THR A 76 -3.35 -29.91 -13.52
N HIS A 77 -2.11 -29.48 -13.30
CA HIS A 77 -0.99 -29.85 -14.14
C HIS A 77 0.30 -29.97 -13.31
N LYS A 78 0.91 -31.16 -13.31
CA LYS A 78 2.21 -31.34 -12.66
C LYS A 78 3.35 -30.95 -13.58
N LYS A 79 4.28 -30.14 -13.08
CA LYS A 79 5.43 -29.75 -13.87
C LYS A 79 6.33 -30.97 -14.08
N PRO A 80 6.76 -31.21 -15.32
CA PRO A 80 7.76 -32.24 -15.54
C PRO A 80 9.08 -31.93 -14.83
N ASN A 81 9.72 -32.96 -14.28
CA ASN A 81 11.03 -32.79 -13.63
C ASN A 81 12.17 -32.71 -14.64
N GLY A 82 12.28 -33.71 -15.49
CA GLY A 82 13.36 -33.83 -16.47
C GLY A 82 12.95 -34.56 -17.73
N LEU A 83 13.92 -35.21 -18.36
CA LEU A 83 13.72 -35.74 -19.71
C LEU A 83 12.63 -36.81 -19.80
N VAL A 84 12.59 -37.76 -18.86
CA VAL A 84 11.55 -38.76 -18.85
C VAL A 84 10.17 -38.11 -18.73
N ASP A 85 9.98 -37.24 -17.73
CA ASP A 85 8.72 -36.51 -17.52
C ASP A 85 8.26 -35.68 -18.72
N THR A 86 9.21 -35.01 -19.37
CA THR A 86 8.91 -34.26 -20.58
C THR A 86 8.49 -35.19 -21.71
N LEU A 87 9.15 -36.33 -21.81
CA LEU A 87 8.81 -37.31 -22.82
C LEU A 87 7.38 -37.82 -22.58
N ALA A 88 7.09 -38.17 -21.33
CA ALA A 88 5.76 -38.67 -20.99
C ALA A 88 4.68 -37.67 -21.37
N TYR A 89 4.91 -36.39 -21.04
CA TYR A 89 3.92 -35.36 -21.30
C TYR A 89 3.78 -35.05 -22.78
N ARG A 90 4.91 -34.92 -23.49
CA ARG A 90 4.85 -34.66 -24.93
C ARG A 90 4.15 -35.82 -25.64
N SER A 91 4.43 -37.05 -25.22
CA SER A 91 3.74 -38.17 -25.85
C SER A 91 2.23 -38.12 -25.57
N VAL A 92 1.80 -37.77 -24.35
CA VAL A 92 0.36 -37.67 -24.04
C VAL A 92 -0.30 -36.56 -24.87
N ARG A 93 0.33 -35.39 -24.90
CA ARG A 93 -0.21 -34.25 -25.65
C ARG A 93 -0.28 -34.50 -27.19
N THR A 94 0.77 -35.14 -27.71
CA THR A 94 0.78 -35.58 -29.10
C THR A 94 -0.37 -36.55 -29.39
N CYS A 95 -0.54 -37.54 -28.51
CA CYS A 95 -1.69 -38.42 -28.60
C CYS A 95 -3.05 -37.73 -28.55
N ARG A 96 -3.23 -36.72 -27.70
CA ARG A 96 -4.54 -36.06 -27.62
C ARG A 96 -4.83 -35.23 -28.87
N TRP A 97 -3.81 -34.53 -29.35
CA TRP A 97 -3.94 -33.70 -30.53
C TRP A 97 -4.25 -34.57 -31.74
N LEU A 98 -3.52 -35.67 -31.92
CA LEU A 98 -3.89 -36.66 -32.93
C LEU A 98 -5.34 -37.13 -32.74
N PHE A 99 -5.64 -37.59 -31.53
CA PHE A 99 -6.92 -38.23 -31.27
C PHE A 99 -8.11 -37.28 -31.47
N ASP A 100 -8.04 -36.08 -30.91
CA ASP A 100 -9.17 -35.13 -31.05
C ASP A 100 -9.37 -34.68 -32.49
N THR A 101 -8.28 -34.62 -33.26
CA THR A 101 -8.36 -34.14 -34.62
C THR A 101 -8.90 -35.23 -35.56
N PHE A 102 -8.36 -36.45 -35.45
CA PHE A 102 -8.82 -37.59 -36.26
C PHE A 102 -10.25 -37.98 -35.93
N SER A 103 -10.56 -38.09 -34.63
CA SER A 103 -11.92 -38.40 -34.16
C SER A 103 -12.90 -37.25 -34.39
N LEU A 104 -12.39 -36.06 -34.71
CA LEU A 104 -13.22 -34.89 -35.05
C LEU A 104 -13.98 -34.30 -33.84
N TYR A 105 -13.50 -34.57 -32.64
CA TYR A 105 -14.17 -34.08 -31.41
C TYR A 105 -14.33 -32.58 -31.47
N ARG A 106 -13.28 -31.93 -31.95
CA ARG A 106 -13.17 -30.46 -32.01
C ARG A 106 -14.25 -29.71 -32.81
N PHE A 107 -14.63 -30.18 -34.00
CA PHE A 107 -15.43 -29.36 -34.92
C PHE A 107 -16.87 -29.83 -34.99
N GLY A 108 -17.79 -28.87 -35.13
CA GLY A 108 -19.19 -29.10 -34.87
C GLY A 108 -19.40 -29.06 -33.38
N SER A 109 -20.66 -29.11 -32.95
CA SER A 109 -20.97 -29.01 -31.53
C SER A 109 -20.70 -30.32 -30.80
N ILE A 110 -20.50 -30.23 -29.49
CA ILE A 110 -20.47 -31.41 -28.63
C ILE A 110 -21.85 -32.09 -28.69
N THR A 111 -21.84 -33.41 -28.64
CA THR A 111 -23.07 -34.19 -28.53
C THR A 111 -22.83 -35.36 -27.62
N GLU A 112 -23.93 -35.92 -27.12
CA GLU A 112 -23.87 -37.09 -26.29
C GLU A 112 -23.24 -38.22 -27.10
N SER A 113 -23.56 -38.28 -28.40
CA SER A 113 -23.05 -39.36 -29.26
C SER A 113 -21.51 -39.35 -29.35
N LYS A 114 -20.92 -38.19 -29.58
CA LYS A 114 -19.45 -38.14 -29.66
C LYS A 114 -18.76 -38.24 -28.29
N VAL A 115 -19.43 -37.79 -27.24
CA VAL A 115 -18.89 -37.93 -25.88
C VAL A 115 -18.84 -39.38 -25.48
N ILE A 116 -19.99 -40.05 -25.49
CA ILE A 116 -20.08 -41.48 -25.14
C ILE A 116 -19.10 -42.29 -26.04
N SER A 117 -19.07 -41.96 -27.32
CA SER A 117 -18.22 -42.64 -28.31
C SER A 117 -16.74 -42.52 -27.97
N ARG A 118 -16.33 -41.29 -27.69
CA ARG A 118 -14.97 -40.98 -27.32
C ARG A 118 -14.54 -41.81 -26.11
N CYS A 119 -15.31 -41.67 -25.02
CA CYS A 119 -15.03 -42.36 -23.76
C CYS A 119 -15.03 -43.85 -23.89
N LEU A 120 -15.97 -44.36 -24.66
CA LEU A 120 -16.00 -45.79 -24.95
C LEU A 120 -14.60 -46.21 -25.42
N PHE A 121 -14.10 -45.55 -26.47
CA PHE A 121 -12.83 -45.93 -27.06
C PHE A 121 -11.67 -45.83 -26.08
N LEU A 122 -11.56 -44.68 -25.41
CA LEU A 122 -10.43 -44.38 -24.57
C LEU A 122 -10.42 -45.18 -23.28
N GLU A 123 -11.61 -45.55 -22.77
CA GLU A 123 -11.67 -46.35 -21.57
C GLU A 123 -11.15 -47.76 -21.81
N THR A 124 -11.19 -48.23 -23.07
CA THR A 124 -10.56 -49.54 -23.41
C THR A 124 -9.05 -49.50 -23.16
N VAL A 125 -8.40 -48.42 -23.57
CA VAL A 125 -6.97 -48.26 -23.35
C VAL A 125 -6.73 -48.07 -21.84
N ALA A 126 -7.57 -47.23 -21.23
CA ALA A 126 -7.44 -46.78 -19.83
C ALA A 126 -7.17 -47.86 -18.79
N GLY A 127 -7.71 -49.06 -19.00
CA GLY A 127 -7.52 -50.13 -18.06
C GLY A 127 -6.30 -50.99 -18.31
N VAL A 128 -5.43 -50.61 -19.25
CA VAL A 128 -4.23 -51.42 -19.52
C VAL A 128 -3.09 -51.13 -18.53
N PRO A 129 -2.74 -49.84 -18.34
CA PRO A 129 -1.59 -49.45 -17.51
C PRO A 129 -1.52 -50.05 -16.11
N GLY A 130 -2.57 -49.89 -15.32
CA GLY A 130 -2.64 -50.45 -13.97
C GLY A 130 -2.52 -51.96 -13.93
N MET A 131 -3.04 -52.63 -14.93
CA MET A 131 -2.92 -54.10 -15.01
C MET A 131 -1.47 -54.53 -15.34
N VAL A 132 -0.82 -53.88 -16.31
CA VAL A 132 0.57 -54.25 -16.58
C VAL A 132 1.44 -53.89 -15.38
N GLY A 133 1.24 -52.70 -14.80
CA GLY A 133 1.97 -52.29 -13.61
C GLY A 133 1.84 -53.30 -12.46
N GLY A 134 0.61 -53.59 -12.07
CA GLY A 134 0.33 -54.59 -11.02
C GLY A 134 0.84 -55.98 -11.34
N MET A 135 0.65 -56.42 -12.58
CA MET A 135 1.22 -57.70 -13.00
C MET A 135 2.76 -57.71 -12.82
N LEU A 136 3.42 -56.61 -13.15
CA LEU A 136 4.89 -56.57 -13.14
C LEU A 136 5.47 -56.49 -11.71
N ARG A 137 4.87 -55.66 -10.88
CA ARG A 137 5.23 -55.62 -9.48
C ARG A 137 4.95 -56.94 -8.77
N HIS A 138 3.92 -57.64 -9.25
CA HIS A 138 3.58 -58.97 -8.72
C HIS A 138 4.66 -59.98 -9.05
N LEU A 139 5.03 -60.01 -10.33
CA LEU A 139 6.05 -60.92 -10.79
C LEU A 139 7.37 -60.66 -10.08
N SER A 140 7.70 -59.38 -9.91
CA SER A 140 8.93 -58.97 -9.25
C SER A 140 8.91 -59.37 -7.78
N SER A 141 7.79 -59.12 -7.09
CA SER A 141 7.64 -59.59 -5.73
C SER A 141 7.89 -61.10 -5.63
N LEU A 142 7.39 -61.89 -6.59
CA LEU A 142 7.58 -63.33 -6.56
C LEU A 142 9.02 -63.78 -6.87
N ARG A 143 9.65 -63.23 -7.93
CA ARG A 143 11.03 -63.68 -8.26
C ARG A 143 12.09 -63.17 -7.29
N TYR A 144 11.90 -61.98 -6.73
CA TYR A 144 12.83 -61.46 -5.73
C TYR A 144 12.42 -61.77 -4.29
N MET A 145 11.25 -62.37 -4.10
CA MET A 145 10.74 -62.75 -2.77
C MET A 145 10.65 -61.56 -1.81
N THR A 146 10.38 -60.39 -2.38
CA THR A 146 10.33 -59.17 -1.63
C THR A 146 8.89 -58.82 -1.29
N ARG A 147 8.72 -57.92 -0.31
CA ARG A 147 7.43 -57.31 -0.05
C ARG A 147 7.08 -56.29 -1.12
N ASP A 148 5.79 -56.13 -1.38
CA ASP A 148 5.34 -55.10 -2.28
C ASP A 148 4.75 -53.89 -1.51
N LYS A 149 4.32 -54.11 -0.27
CA LYS A 149 3.85 -53.02 0.61
C LYS A 149 2.69 -52.19 0.03
N GLY A 150 1.69 -52.90 -0.50
CA GLY A 150 0.44 -52.28 -0.90
C GLY A 150 0.30 -51.66 -2.28
N TRP A 151 1.30 -51.81 -3.15
CA TRP A 151 1.25 -51.19 -4.47
C TRP A 151 0.34 -51.97 -5.41
N ILE A 152 0.59 -53.27 -5.48
CA ILE A 152 -0.07 -54.14 -6.46
C ILE A 152 -1.59 -53.99 -6.40
N ASN A 153 -2.15 -54.10 -5.19
CA ASN A 153 -3.58 -54.00 -5.06
C ASN A 153 -4.10 -52.68 -5.58
N THR A 154 -3.35 -51.59 -5.37
CA THR A 154 -3.80 -50.30 -5.83
C THR A 154 -3.88 -50.21 -7.37
N LEU A 155 -2.96 -50.87 -8.06
CA LEU A 155 -2.92 -50.78 -9.52
C LEU A 155 -3.94 -51.71 -10.17
N LEU A 156 -4.14 -52.86 -9.55
CA LEU A 156 -5.17 -53.80 -10.01
C LEU A 156 -6.59 -53.23 -9.82
N VAL A 157 -6.86 -52.62 -8.66
CA VAL A 157 -8.16 -51.97 -8.47
C VAL A 157 -8.35 -50.79 -9.40
N GLU A 158 -7.27 -50.05 -9.65
CA GLU A 158 -7.31 -49.00 -10.68
C GLU A 158 -7.75 -49.56 -12.04
N ALA A 159 -7.08 -50.62 -12.47
CA ALA A 159 -7.42 -51.31 -13.73
C ALA A 159 -8.88 -51.73 -13.76
N GLU A 160 -9.34 -52.32 -12.66
CA GLU A 160 -10.75 -52.68 -12.52
C GLU A 160 -11.65 -51.47 -12.66
N ASN A 161 -11.33 -50.39 -11.95
CA ASN A 161 -12.10 -49.14 -11.99
C ASN A 161 -12.31 -48.64 -13.43
N GLU A 162 -11.23 -48.57 -14.19
CA GLU A 162 -11.31 -48.14 -15.57
C GLU A 162 -12.18 -49.14 -16.31
N ARG A 163 -11.98 -50.43 -16.08
CA ARG A 163 -12.80 -51.40 -16.80
C ARG A 163 -14.30 -51.19 -16.56
N MET A 164 -14.65 -50.74 -15.34
CA MET A 164 -16.03 -50.47 -15.00
C MET A 164 -16.53 -49.19 -15.64
N HIS A 165 -15.65 -48.23 -15.82
CA HIS A 165 -15.94 -47.11 -16.70
C HIS A 165 -16.41 -47.61 -18.09
N LEU A 166 -15.64 -48.54 -18.66
CA LEU A 166 -15.97 -49.16 -19.95
C LEU A 166 -17.30 -49.90 -19.90
N MET A 167 -17.47 -50.78 -18.89
CA MET A 167 -18.73 -51.50 -18.73
C MET A 167 -19.93 -50.53 -18.71
N THR A 168 -19.77 -49.37 -18.09
CA THR A 168 -20.84 -48.38 -18.02
C THR A 168 -21.19 -47.78 -19.37
N PHE A 169 -20.18 -47.25 -20.05
CA PHE A 169 -20.37 -46.62 -21.35
C PHE A 169 -20.92 -47.53 -22.44
N ILE A 170 -20.57 -48.81 -22.40
CA ILE A 170 -21.13 -49.76 -23.35
C ILE A 170 -22.61 -50.14 -23.07
N GLU A 171 -23.15 -49.75 -21.90
CA GLU A 171 -24.61 -49.82 -21.68
C GLU A 171 -25.30 -48.68 -22.41
N LEU A 172 -24.59 -47.58 -22.63
CA LEU A 172 -25.18 -46.39 -23.23
C LEU A 172 -25.01 -46.39 -24.75
N ARG A 173 -24.02 -47.10 -25.25
CA ARG A 173 -23.77 -47.11 -26.67
C ARG A 173 -23.04 -48.37 -27.05
N GLN A 174 -23.55 -49.04 -28.07
CA GLN A 174 -22.95 -50.25 -28.57
C GLN A 174 -22.28 -49.89 -29.88
N PRO A 175 -20.98 -50.17 -30.00
CA PRO A 175 -20.22 -49.70 -31.15
C PRO A 175 -20.41 -50.57 -32.39
N GLY A 176 -20.19 -49.98 -33.56
CA GLY A 176 -20.19 -50.72 -34.81
C GLY A 176 -18.90 -51.53 -34.96
N LEU A 177 -18.76 -52.18 -36.11
CA LEU A 177 -17.61 -53.00 -36.41
C LEU A 177 -16.32 -52.20 -36.59
N PRO A 178 -16.36 -51.09 -37.34
CA PRO A 178 -15.15 -50.28 -37.47
C PRO A 178 -14.48 -49.90 -36.14
N LEU A 179 -15.27 -49.44 -35.18
CA LEU A 179 -14.75 -49.02 -33.87
C LEU A 179 -14.32 -50.24 -33.03
N ARG A 180 -14.99 -51.37 -33.21
CA ARG A 180 -14.61 -52.60 -32.54
C ARG A 180 -13.30 -53.17 -33.05
N VAL A 181 -13.03 -53.00 -34.35
CA VAL A 181 -11.78 -53.48 -34.94
C VAL A 181 -10.66 -52.55 -34.50
N SER A 182 -10.92 -51.25 -34.49
CA SER A 182 -9.91 -50.27 -34.02
C SER A 182 -9.50 -50.44 -32.55
N ILE A 183 -10.48 -50.83 -31.73
CA ILE A 183 -10.26 -51.10 -30.32
C ILE A 183 -9.32 -52.31 -30.14
N ILE A 184 -9.59 -53.38 -30.90
CA ILE A 184 -8.72 -54.55 -30.86
C ILE A 184 -7.29 -54.19 -31.23
N ILE A 185 -7.09 -53.52 -32.37
CA ILE A 185 -5.71 -53.21 -32.77
C ILE A 185 -5.09 -52.18 -31.84
N THR A 186 -5.89 -51.25 -31.30
CA THR A 186 -5.33 -50.28 -30.37
C THR A 186 -4.86 -51.00 -29.10
N GLN A 187 -5.57 -52.04 -28.67
CA GLN A 187 -5.09 -52.77 -27.51
C GLN A 187 -3.75 -53.46 -27.78
N ALA A 188 -3.60 -54.07 -28.95
CA ALA A 188 -2.37 -54.79 -29.29
C ALA A 188 -1.19 -53.83 -29.17
N ILE A 189 -1.36 -52.61 -29.63
CA ILE A 189 -0.28 -51.65 -29.64
C ILE A 189 0.02 -51.06 -28.24
N MET A 190 -1.01 -50.67 -27.50
CA MET A 190 -0.81 -50.04 -26.22
C MET A 190 -0.32 -51.04 -25.17
N TYR A 191 -0.80 -52.28 -25.22
CA TYR A 191 -0.30 -53.31 -24.33
C TYR A 191 1.19 -53.55 -24.55
N LEU A 192 1.60 -53.54 -25.82
CA LEU A 192 2.98 -53.83 -26.22
C LEU A 192 3.84 -52.66 -25.77
N PHE A 193 3.38 -51.46 -26.07
CA PHE A 193 4.04 -50.26 -25.59
C PHE A 193 4.18 -50.20 -24.07
N LEU A 194 3.09 -50.46 -23.35
CA LEU A 194 3.04 -50.25 -21.90
C LEU A 194 3.89 -51.29 -21.19
N LEU A 195 3.90 -52.50 -21.75
CA LEU A 195 4.64 -53.61 -21.18
C LEU A 195 6.13 -53.33 -21.26
N VAL A 196 6.63 -52.99 -22.46
CA VAL A 196 8.06 -52.72 -22.60
C VAL A 196 8.42 -51.42 -21.88
N ALA A 197 7.60 -50.40 -21.98
CA ALA A 197 7.86 -49.17 -21.23
C ALA A 197 7.95 -49.40 -19.71
N TYR A 198 7.10 -50.25 -19.14
CA TYR A 198 7.12 -50.45 -17.68
C TYR A 198 8.33 -51.25 -17.25
N VAL A 199 8.74 -52.22 -18.07
CA VAL A 199 9.98 -52.95 -17.80
C VAL A 199 11.17 -51.99 -17.86
N ILE A 200 11.20 -51.08 -18.83
CA ILE A 200 12.31 -50.12 -18.95
C ILE A 200 12.23 -49.02 -17.90
N SER A 201 11.09 -48.32 -17.82
CA SER A 201 10.94 -47.21 -16.88
C SER A 201 9.55 -47.13 -16.27
N PRO A 202 9.37 -47.74 -15.09
CA PRO A 202 8.09 -47.58 -14.39
C PRO A 202 7.76 -46.11 -14.16
N ARG A 203 8.79 -45.28 -14.06
CA ARG A 203 8.62 -43.86 -13.81
C ARG A 203 7.92 -43.18 -14.98
N PHE A 204 8.39 -43.48 -16.18
CA PHE A 204 7.76 -42.99 -17.39
C PHE A 204 6.28 -43.41 -17.45
N VAL A 205 6.00 -44.68 -17.18
CA VAL A 205 4.61 -45.17 -17.30
C VAL A 205 3.72 -44.46 -16.28
N HIS A 206 4.10 -44.51 -15.01
CA HIS A 206 3.30 -43.81 -14.00
C HIS A 206 3.07 -42.35 -14.36
N ARG A 207 4.09 -41.70 -14.93
CA ARG A 207 4.02 -40.29 -15.26
C ARG A 207 3.13 -40.07 -16.48
N PHE A 208 3.28 -40.92 -17.48
CA PHE A 208 2.41 -40.96 -18.64
C PHE A 208 0.95 -41.07 -18.17
N VAL A 209 0.65 -42.04 -17.33
CA VAL A 209 -0.71 -42.22 -16.81
C VAL A 209 -1.15 -40.95 -16.08
N GLY A 210 -0.32 -40.46 -15.18
CA GLY A 210 -0.61 -39.19 -14.51
C GLY A 210 -1.08 -38.15 -15.50
N TYR A 211 -0.34 -38.03 -16.59
CA TYR A 211 -0.66 -37.03 -17.60
C TYR A 211 -1.89 -37.37 -18.43
N LEU A 212 -2.12 -38.66 -18.63
CA LEU A 212 -3.36 -39.11 -19.26
C LEU A 212 -4.55 -38.65 -18.41
N GLU A 213 -4.45 -38.84 -17.09
CA GLU A 213 -5.61 -38.56 -16.26
C GLU A 213 -5.81 -37.06 -16.12
N GLU A 214 -4.76 -36.27 -16.30
CA GLU A 214 -4.91 -34.83 -16.36
C GLU A 214 -5.86 -34.46 -17.47
N GLU A 215 -5.65 -35.06 -18.65
CA GLU A 215 -6.50 -34.83 -19.82
C GLU A 215 -7.90 -35.42 -19.63
N ALA A 216 -8.00 -36.62 -19.08
CA ALA A 216 -9.31 -37.21 -18.76
C ALA A 216 -10.18 -36.30 -17.86
N VAL A 217 -9.56 -35.74 -16.82
CA VAL A 217 -10.27 -34.82 -15.92
C VAL A 217 -10.70 -33.56 -16.69
N ILE A 218 -9.87 -33.06 -17.58
CA ILE A 218 -10.24 -31.95 -18.48
C ILE A 218 -11.44 -32.30 -19.35
N THR A 219 -11.38 -33.44 -20.04
CA THR A 219 -12.47 -33.84 -20.92
C THR A 219 -13.78 -33.96 -20.15
N TYR A 220 -13.75 -34.71 -19.05
CA TYR A 220 -14.97 -34.92 -18.29
C TYR A 220 -15.47 -33.63 -17.61
N THR A 221 -14.59 -32.68 -17.30
CA THR A 221 -15.12 -31.40 -16.82
C THR A 221 -15.66 -30.53 -17.96
N GLY A 222 -15.20 -30.76 -19.17
CA GLY A 222 -15.80 -30.14 -20.36
C GLY A 222 -17.20 -30.66 -20.58
N VAL A 223 -17.37 -31.97 -20.36
CA VAL A 223 -18.67 -32.61 -20.47
C VAL A 223 -19.63 -31.98 -19.45
N MET A 224 -19.19 -31.89 -18.21
CA MET A 224 -20.05 -31.38 -17.14
C MET A 224 -20.40 -29.91 -17.34
N ARG A 225 -19.45 -29.14 -17.86
CA ARG A 225 -19.65 -27.72 -18.10
C ARG A 225 -20.66 -27.50 -19.23
N ALA A 226 -20.55 -28.31 -20.28
CA ALA A 226 -21.48 -28.24 -21.40
C ALA A 226 -22.89 -28.64 -20.97
N ILE A 227 -23.00 -29.61 -20.05
CA ILE A 227 -24.30 -29.95 -19.46
C ILE A 227 -24.87 -28.76 -18.67
N ASP A 228 -24.06 -28.16 -17.80
CA ASP A 228 -24.53 -27.05 -16.95
C ASP A 228 -24.88 -25.82 -17.75
N GLU A 229 -24.38 -25.74 -18.98
CA GLU A 229 -24.59 -24.58 -19.82
C GLU A 229 -25.63 -24.84 -20.90
N GLY A 230 -26.25 -26.02 -20.87
CA GLY A 230 -27.28 -26.39 -21.83
C GLY A 230 -26.81 -26.63 -23.26
N ARG A 231 -25.50 -26.72 -23.48
CA ARG A 231 -24.97 -26.99 -24.82
C ARG A 231 -25.07 -28.47 -25.15
N LEU A 232 -25.26 -29.26 -24.11
CA LEU A 232 -25.35 -30.69 -24.18
C LEU A 232 -26.53 -31.05 -23.30
N ARG A 233 -27.59 -31.56 -23.93
CA ARG A 233 -28.78 -31.98 -23.22
C ARG A 233 -28.76 -33.50 -23.27
N PRO A 234 -28.17 -34.13 -22.24
CA PRO A 234 -28.04 -35.59 -22.24
C PRO A 234 -29.39 -36.31 -22.12
N THR A 235 -29.53 -37.42 -22.82
CA THR A 235 -30.73 -38.23 -22.77
C THR A 235 -30.53 -39.56 -22.03
N LYS A 236 -29.30 -39.93 -21.70
CA LYS A 236 -29.05 -41.24 -21.06
C LYS A 236 -29.13 -41.09 -19.55
N ASN A 237 -30.33 -40.81 -19.05
CA ASN A 237 -30.50 -40.39 -17.67
C ASN A 237 -31.12 -41.46 -16.79
N ASP A 238 -31.13 -42.68 -17.35
CA ASP A 238 -31.38 -43.86 -16.59
C ASP A 238 -30.01 -44.55 -16.44
N VAL A 239 -29.20 -44.00 -15.53
CA VAL A 239 -27.86 -44.51 -15.23
C VAL A 239 -27.93 -46.03 -15.15
N PRO A 240 -27.04 -46.73 -15.88
CA PRO A 240 -27.13 -48.19 -15.93
C PRO A 240 -26.97 -48.82 -14.56
N GLU A 241 -27.64 -49.94 -14.36
CA GLU A 241 -27.62 -50.64 -13.10
C GLU A 241 -26.18 -50.95 -12.66
N VAL A 242 -25.33 -51.32 -13.62
CA VAL A 242 -23.92 -51.64 -13.34
C VAL A 242 -23.23 -50.51 -12.61
N ALA A 243 -23.57 -49.30 -13.00
CA ALA A 243 -22.94 -48.11 -12.48
C ALA A 243 -23.62 -47.66 -11.19
N ARG A 244 -24.93 -47.88 -11.09
CA ARG A 244 -25.64 -47.41 -9.90
C ARG A 244 -25.15 -48.20 -8.68
N VAL A 245 -24.89 -49.50 -8.83
CA VAL A 245 -24.37 -50.26 -7.69
C VAL A 245 -22.86 -50.07 -7.53
N TYR A 246 -22.12 -49.88 -8.63
CA TYR A 246 -20.68 -49.67 -8.53
C TYR A 246 -20.33 -48.39 -7.78
N TRP A 247 -21.04 -47.31 -8.07
CA TRP A 247 -20.77 -46.02 -7.41
C TRP A 247 -21.81 -45.68 -6.33
N ASN A 248 -22.64 -46.65 -5.96
CA ASN A 248 -23.66 -46.44 -4.93
C ASN A 248 -24.44 -45.15 -5.20
N LEU A 249 -24.91 -45.03 -6.44
CA LEU A 249 -25.70 -43.89 -6.89
C LEU A 249 -27.16 -44.23 -6.68
N SER A 250 -27.97 -43.22 -6.37
CA SER A 250 -29.41 -43.44 -6.21
C SER A 250 -30.06 -43.60 -7.58
N LYS A 251 -31.33 -43.98 -7.57
CA LYS A 251 -32.10 -44.08 -8.82
C LYS A 251 -32.38 -42.70 -9.42
N ASN A 252 -32.24 -41.64 -8.60
CA ASN A 252 -32.39 -40.25 -9.08
C ASN A 252 -31.13 -39.67 -9.71
N ALA A 253 -30.01 -40.37 -9.59
CA ALA A 253 -28.77 -39.94 -10.25
C ALA A 253 -29.00 -39.84 -11.77
N THR A 254 -28.36 -38.86 -12.38
CA THR A 254 -28.49 -38.60 -13.82
C THR A 254 -27.15 -38.80 -14.52
N PHE A 255 -27.13 -38.57 -15.84
CA PHE A 255 -25.91 -38.64 -16.63
C PHE A 255 -24.82 -37.75 -16.05
N ARG A 256 -25.24 -36.56 -15.63
CA ARG A 256 -24.33 -35.58 -15.06
C ARG A 256 -23.62 -36.13 -13.81
N ASP A 257 -24.35 -36.83 -12.95
CA ASP A 257 -23.80 -37.39 -11.73
C ASP A 257 -22.80 -38.52 -12.03
N LEU A 258 -23.14 -39.33 -13.04
CA LEU A 258 -22.29 -40.43 -13.48
C LEU A 258 -20.94 -39.91 -13.99
N ILE A 259 -20.96 -38.89 -14.83
CA ILE A 259 -19.72 -38.26 -15.31
C ILE A 259 -18.92 -37.66 -14.15
N ASN A 260 -19.63 -37.15 -13.14
CA ASN A 260 -19.00 -36.56 -11.96
C ASN A 260 -18.16 -37.60 -11.22
N VAL A 261 -18.74 -38.77 -11.01
CA VAL A 261 -18.05 -39.82 -10.27
C VAL A 261 -16.93 -40.44 -11.11
N ILE A 262 -17.14 -40.56 -12.42
CA ILE A 262 -16.06 -41.04 -13.30
C ILE A 262 -14.87 -40.08 -13.27
N ARG A 263 -15.15 -38.80 -13.39
CA ARG A 263 -14.14 -37.75 -13.30
C ARG A 263 -13.35 -37.78 -11.97
N ALA A 264 -14.07 -38.06 -10.88
CA ALA A 264 -13.46 -38.17 -9.56
C ALA A 264 -12.50 -39.33 -9.55
N ASP A 265 -12.94 -40.49 -10.03
CA ASP A 265 -12.08 -41.65 -10.20
C ASP A 265 -10.78 -41.29 -10.97
N GLU A 266 -10.93 -40.53 -12.03
CA GLU A 266 -9.78 -40.16 -12.88
C GLU A 266 -8.79 -39.29 -12.14
N ALA A 267 -9.33 -38.36 -11.35
CA ALA A 267 -8.52 -37.47 -10.52
C ALA A 267 -7.73 -38.27 -9.49
N GLU A 268 -8.33 -39.34 -8.97
CA GLU A 268 -7.65 -40.20 -8.02
C GLU A 268 -6.49 -40.88 -8.70
N HIS A 269 -6.70 -41.38 -9.91
CA HIS A 269 -5.66 -42.01 -10.68
C HIS A 269 -4.57 -40.99 -11.01
N ARG A 270 -4.97 -39.77 -11.28
CA ARG A 270 -4.02 -38.69 -11.56
C ARG A 270 -3.02 -38.48 -10.44
N VAL A 271 -3.52 -38.41 -9.20
CA VAL A 271 -2.67 -38.20 -8.03
C VAL A 271 -1.87 -39.46 -7.73
N VAL A 272 -2.54 -40.59 -7.65
CA VAL A 272 -1.89 -41.85 -7.33
C VAL A 272 -0.69 -42.07 -8.28
N ASN A 273 -0.88 -41.84 -9.57
CA ASN A 273 0.16 -42.13 -10.54
C ASN A 273 1.32 -41.14 -10.51
N HIS A 274 1.02 -39.85 -10.48
CA HIS A 274 2.08 -38.83 -10.26
C HIS A 274 2.83 -39.07 -8.97
N THR A 275 2.12 -39.52 -7.94
CA THR A 275 2.79 -39.85 -6.69
C THR A 275 3.74 -41.02 -6.89
N PHE A 276 3.22 -42.11 -7.44
CA PHE A 276 4.06 -43.26 -7.78
C PHE A 276 5.26 -42.91 -8.68
N ALA A 277 5.06 -42.05 -9.66
CA ALA A 277 6.18 -41.65 -10.53
C ALA A 277 7.22 -40.92 -9.70
N ASP A 278 6.76 -40.03 -8.83
CA ASP A 278 7.64 -39.25 -7.97
C ASP A 278 8.49 -40.19 -7.10
N MET A 279 7.84 -41.20 -6.51
CA MET A 279 8.52 -42.18 -5.66
C MET A 279 9.62 -42.90 -6.44
N HIS A 280 9.33 -43.27 -7.69
CA HIS A 280 10.36 -43.83 -8.56
C HIS A 280 11.52 -42.86 -8.73
N GLU A 281 11.20 -41.63 -9.12
CA GLU A 281 12.17 -40.54 -9.24
C GLU A 281 13.09 -40.37 -8.03
N LYS A 282 12.58 -40.68 -6.85
CA LYS A 282 13.34 -40.56 -5.62
C LYS A 282 13.88 -41.89 -5.09
N ARG A 283 13.76 -42.96 -5.87
CA ARG A 283 14.17 -44.30 -5.43
C ARG A 283 13.39 -44.79 -4.20
N LEU A 284 12.10 -44.47 -4.17
CA LEU A 284 11.18 -45.00 -3.17
C LEU A 284 10.25 -46.10 -3.72
N GLN A 285 10.59 -46.68 -4.88
CA GLN A 285 9.72 -47.70 -5.49
C GLN A 285 9.53 -48.94 -4.65
N ASN A 286 10.44 -49.18 -3.71
CA ASN A 286 10.27 -50.27 -2.74
C ASN A 286 9.81 -49.80 -1.36
N SER A 287 9.26 -48.59 -1.28
CA SER A 287 8.67 -48.07 -0.06
C SER A 287 7.18 -48.40 -0.05
N VAL A 288 6.58 -48.18 1.13
CA VAL A 288 5.16 -48.32 1.34
C VAL A 288 4.33 -47.48 0.38
N ASN A 289 3.25 -48.07 -0.11
CA ASN A 289 2.26 -47.33 -0.91
C ASN A 289 1.54 -46.38 0.05
N PRO A 290 1.79 -45.08 -0.05
CA PRO A 290 1.19 -44.18 0.94
C PRO A 290 -0.31 -44.21 1.00
N PHE A 291 -0.96 -44.63 -0.09
CA PHE A 291 -2.42 -44.64 -0.16
C PHE A 291 -3.05 -45.76 0.64
N VAL A 292 -2.26 -46.77 1.02
CA VAL A 292 -2.80 -47.88 1.81
C VAL A 292 -3.31 -47.38 3.16
N VAL A 293 -2.65 -46.36 3.69
CA VAL A 293 -2.99 -45.80 4.98
C VAL A 293 -3.97 -44.66 4.79
N LEU A 294 -3.61 -43.71 3.93
CA LEU A 294 -4.50 -42.61 3.57
C LEU A 294 -5.83 -43.18 3.08
N LYS A 295 -6.53 -43.86 3.99
CA LYS A 295 -7.68 -44.70 3.67
C LYS A 295 -8.50 -44.98 4.93
N PRO B 31 13.10 5.10 11.09
CA PRO B 31 14.03 5.19 9.97
C PRO B 31 14.94 6.41 10.09
N VAL B 32 15.63 6.75 8.99
CA VAL B 32 16.34 8.03 8.88
C VAL B 32 15.36 9.21 9.04
N TRP B 33 14.13 9.02 8.57
CA TRP B 33 13.15 10.11 8.40
C TRP B 33 12.58 10.72 9.70
N GLY B 34 12.67 12.04 9.80
CA GLY B 34 12.16 12.76 10.97
C GLY B 34 12.10 14.26 10.71
N HIS B 35 12.00 15.05 11.77
CA HIS B 35 11.74 16.49 11.66
C HIS B 35 12.69 17.25 10.74
N THR B 36 13.93 16.80 10.62
CA THR B 36 14.88 17.51 9.75
C THR B 36 14.45 17.36 8.28
N GLN B 37 13.89 16.21 7.92
CA GLN B 37 13.35 16.03 6.56
C GLN B 37 12.02 16.73 6.39
N LEU B 38 11.16 16.61 7.40
CA LEU B 38 9.80 17.17 7.37
C LEU B 38 9.79 18.68 7.29
N ASN B 39 10.84 19.32 7.80
CA ASN B 39 10.90 20.78 7.80
C ASN B 39 11.50 21.35 6.52
N ARG B 40 11.94 20.49 5.62
CA ARG B 40 12.55 20.93 4.37
C ARG B 40 11.47 21.53 3.45
N LEU B 41 11.81 22.56 2.69
CA LEU B 41 10.82 23.16 1.80
C LEU B 41 10.52 22.24 0.62
N SER B 42 11.53 21.50 0.18
CA SER B 42 11.43 20.64 -1.01
C SER B 42 12.62 19.71 -1.10
N PHE B 43 12.45 18.58 -1.76
CA PHE B 43 13.57 17.69 -2.04
C PHE B 43 13.95 17.66 -3.53
N LEU B 44 13.52 18.68 -4.27
CA LEU B 44 13.88 18.82 -5.69
C LEU B 44 15.37 18.53 -5.95
N GLU B 45 16.25 19.21 -5.21
CA GLU B 45 17.70 19.08 -5.40
C GLU B 45 18.25 17.68 -5.15
N THR B 46 17.42 16.81 -4.59
CA THR B 46 17.81 15.45 -4.26
C THR B 46 17.65 14.49 -5.46
N VAL B 47 16.89 14.90 -6.49
CA VAL B 47 16.55 13.98 -7.59
C VAL B 47 17.72 13.53 -8.48
N PRO B 48 18.69 14.42 -8.76
CA PRO B 48 19.73 13.99 -9.71
C PRO B 48 20.72 13.00 -9.11
N VAL B 49 20.59 12.68 -7.82
CA VAL B 49 21.46 11.71 -7.16
C VAL B 49 20.75 10.42 -6.77
N VAL B 50 19.42 10.41 -6.69
CA VAL B 50 18.70 9.19 -6.30
C VAL B 50 18.65 8.20 -7.47
N PRO B 51 19.08 6.95 -7.23
CA PRO B 51 19.16 5.94 -8.30
C PRO B 51 17.81 5.50 -8.85
N LEU B 52 17.78 5.14 -10.13
CA LEU B 52 16.63 4.51 -10.76
C LEU B 52 16.70 3.04 -10.37
N ARG B 53 15.66 2.55 -9.68
CA ARG B 53 15.68 1.21 -9.11
C ARG B 53 14.33 0.46 -9.20
N VAL B 54 14.35 -0.52 -10.09
CA VAL B 54 13.47 -1.67 -10.12
C VAL B 54 12.67 -2.01 -8.82
N SER B 55 13.34 -2.08 -7.67
CA SER B 55 12.67 -2.38 -6.40
C SER B 55 11.69 -1.28 -5.91
N ASP B 56 11.83 -0.07 -6.44
CA ASP B 56 10.96 1.05 -6.08
C ASP B 56 9.73 1.19 -6.99
N GLU B 57 9.53 0.24 -7.90
CA GLU B 57 8.45 0.35 -8.88
C GLU B 57 7.11 0.02 -8.25
N SER B 58 7.14 -0.88 -7.27
CA SER B 58 5.97 -1.24 -6.51
C SER B 58 6.16 -0.85 -5.05
N SER B 59 5.12 -1.09 -4.25
CA SER B 59 5.19 -0.92 -2.81
C SER B 59 5.90 -2.12 -2.22
N GLU B 60 5.95 -2.18 -0.90
CA GLU B 60 6.63 -3.27 -0.21
C GLU B 60 5.74 -4.52 -0.15
N ASP B 61 4.48 -4.41 -0.58
CA ASP B 61 3.58 -5.54 -0.49
C ASP B 61 3.77 -6.46 -1.70
N ARG B 62 4.78 -7.31 -1.62
CA ARG B 62 5.23 -8.18 -2.71
C ARG B 62 4.71 -9.61 -2.51
N PRO B 63 4.35 -10.31 -3.60
CA PRO B 63 3.85 -11.69 -3.44
C PRO B 63 4.90 -12.64 -2.90
N THR B 64 4.45 -13.64 -2.14
CA THR B 64 5.34 -14.55 -1.41
C THR B 64 5.11 -16.00 -1.82
N TRP B 65 5.39 -16.35 -3.08
CA TRP B 65 5.05 -17.70 -3.54
C TRP B 65 6.21 -18.64 -3.41
N SER B 66 5.93 -19.83 -2.91
CA SER B 66 6.82 -20.97 -3.06
C SER B 66 6.49 -21.64 -4.39
N LEU B 67 7.44 -21.66 -5.32
CA LEU B 67 7.26 -22.26 -6.65
C LEU B 67 6.63 -23.69 -6.66
N PRO B 68 7.27 -24.66 -5.97
CA PRO B 68 6.71 -26.01 -5.94
C PRO B 68 5.27 -26.09 -5.39
N ASP B 69 4.90 -25.16 -4.52
CA ASP B 69 3.53 -25.09 -4.01
C ASP B 69 2.55 -24.60 -5.09
N ILE B 70 2.83 -23.43 -5.65
CA ILE B 70 1.90 -22.80 -6.60
C ILE B 70 1.81 -23.55 -7.92
N GLU B 71 2.76 -24.43 -8.17
CA GLU B 71 2.66 -25.44 -9.24
C GLU B 71 1.29 -26.14 -9.17
N ASN B 72 0.83 -26.34 -7.95
CA ASN B 72 -0.44 -27.00 -7.68
C ASN B 72 -1.64 -26.06 -7.74
N VAL B 73 -1.46 -24.83 -8.19
CA VAL B 73 -2.61 -23.95 -8.44
C VAL B 73 -3.45 -24.57 -9.55
N ALA B 74 -4.76 -24.64 -9.33
CA ALA B 74 -5.66 -25.34 -10.22
C ALA B 74 -6.57 -24.40 -10.99
N ILE B 75 -7.14 -24.92 -12.07
CA ILE B 75 -8.21 -24.25 -12.79
C ILE B 75 -9.49 -24.64 -12.06
N THR B 76 -10.17 -23.65 -11.51
CA THR B 76 -11.43 -23.86 -10.80
C THR B 76 -12.52 -23.05 -11.48
N HIS B 77 -13.74 -23.30 -11.05
CA HIS B 77 -14.90 -22.64 -11.60
C HIS B 77 -15.97 -22.53 -10.53
N LYS B 78 -16.42 -21.30 -10.26
CA LYS B 78 -17.45 -21.06 -9.24
C LYS B 78 -18.79 -20.87 -9.95
N LYS B 79 -19.65 -21.88 -9.85
CA LYS B 79 -20.87 -21.92 -10.66
C LYS B 79 -21.75 -20.71 -10.40
N PRO B 80 -22.28 -20.10 -11.47
CA PRO B 80 -23.19 -18.95 -11.26
C PRO B 80 -24.44 -19.35 -10.49
N ASN B 81 -24.71 -18.65 -9.38
CA ASN B 81 -25.99 -18.80 -8.69
C ASN B 81 -26.84 -17.54 -8.88
N GLY B 82 -27.70 -17.59 -9.89
CA GLY B 82 -28.73 -16.58 -10.10
C GLY B 82 -28.39 -15.50 -11.11
N LEU B 83 -29.44 -14.83 -11.55
CA LEU B 83 -29.42 -13.45 -12.04
C LEU B 83 -28.03 -12.80 -12.32
N VAL B 84 -27.44 -12.21 -11.30
CA VAL B 84 -26.23 -11.38 -11.46
C VAL B 84 -24.98 -12.21 -11.75
N ASP B 85 -24.87 -13.38 -11.12
CA ASP B 85 -23.77 -14.30 -11.45
C ASP B 85 -23.77 -14.64 -12.94
N THR B 86 -24.93 -15.04 -13.46
CA THR B 86 -25.08 -15.49 -14.84
C THR B 86 -24.77 -14.39 -15.85
N LEU B 87 -25.19 -13.17 -15.56
CA LEU B 87 -24.89 -12.02 -16.41
C LEU B 87 -23.37 -11.76 -16.48
N ALA B 88 -22.69 -11.91 -15.34
CA ALA B 88 -21.24 -11.71 -15.28
C ALA B 88 -20.52 -12.88 -15.96
N TYR B 89 -20.94 -14.10 -15.62
CA TYR B 89 -20.41 -15.32 -16.25
C TYR B 89 -20.48 -15.23 -17.77
N ARG B 90 -21.65 -14.86 -18.29
CA ARG B 90 -21.84 -14.75 -19.74
C ARG B 90 -21.03 -13.61 -20.34
N SER B 91 -20.95 -12.49 -19.64
CA SER B 91 -20.18 -11.35 -20.15
C SER B 91 -18.70 -11.71 -20.32
N VAL B 92 -18.14 -12.38 -19.30
CA VAL B 92 -16.76 -12.84 -19.38
C VAL B 92 -16.57 -13.84 -20.53
N ARG B 93 -17.41 -14.87 -20.56
CA ARG B 93 -17.30 -15.92 -21.56
C ARG B 93 -17.50 -15.37 -22.98
N THR B 94 -18.40 -14.39 -23.13
CA THR B 94 -18.58 -13.71 -24.42
C THR B 94 -17.36 -12.88 -24.82
N CYS B 95 -16.79 -12.14 -23.88
CA CYS B 95 -15.59 -11.33 -24.16
C CYS B 95 -14.44 -12.21 -24.65
N ARG B 96 -14.14 -13.28 -23.92
CA ARG B 96 -13.03 -14.17 -24.29
C ARG B 96 -13.24 -14.78 -25.68
N TRP B 97 -14.46 -15.24 -25.96
CA TRP B 97 -14.83 -15.77 -27.27
C TRP B 97 -14.53 -14.71 -28.35
N LEU B 98 -15.10 -13.52 -28.17
CA LEU B 98 -14.87 -12.42 -29.11
C LEU B 98 -13.39 -12.07 -29.20
N PHE B 99 -12.73 -11.87 -28.05
CA PHE B 99 -11.31 -11.52 -28.03
C PHE B 99 -10.41 -12.61 -28.63
N ASP B 100 -10.69 -13.87 -28.33
CA ASP B 100 -9.88 -14.99 -28.82
C ASP B 100 -10.02 -15.23 -30.33
N THR B 101 -11.26 -15.43 -30.80
CA THR B 101 -11.48 -15.66 -32.23
C THR B 101 -11.00 -14.46 -33.04
N PHE B 102 -11.34 -13.26 -32.59
CA PHE B 102 -10.92 -12.01 -33.24
C PHE B 102 -9.40 -11.99 -33.43
N SER B 103 -8.66 -12.10 -32.33
CA SER B 103 -7.21 -11.94 -32.36
C SER B 103 -6.48 -13.14 -33.00
N LEU B 104 -7.03 -14.34 -32.83
CA LEU B 104 -6.41 -15.53 -33.40
C LEU B 104 -6.89 -15.84 -34.84
N TYR B 105 -7.77 -14.98 -35.37
CA TYR B 105 -7.97 -14.85 -36.82
C TYR B 105 -7.09 -13.71 -37.33
N ARG B 106 -7.31 -12.52 -36.77
CA ARG B 106 -6.59 -11.29 -37.13
C ARG B 106 -5.07 -11.50 -37.21
N PHE B 107 -4.44 -11.73 -36.06
CA PHE B 107 -2.99 -11.83 -35.99
C PHE B 107 -2.47 -13.20 -36.43
N GLY B 108 -3.23 -14.26 -36.14
CA GLY B 108 -2.92 -15.61 -36.63
C GLY B 108 -2.75 -16.64 -35.53
N SER B 109 -1.93 -17.64 -35.79
CA SER B 109 -1.71 -18.75 -34.86
C SER B 109 -0.74 -18.38 -33.72
N ILE B 110 -0.69 -19.23 -32.70
CA ILE B 110 0.00 -18.92 -31.43
C ILE B 110 1.53 -19.02 -31.55
N THR B 111 2.20 -17.94 -31.13
CA THR B 111 3.66 -17.90 -30.97
C THR B 111 4.01 -17.20 -29.64
N GLU B 112 5.28 -17.25 -29.25
CA GLU B 112 5.71 -16.61 -28.00
C GLU B 112 5.57 -15.07 -28.04
N SER B 113 5.74 -14.46 -29.22
CA SER B 113 5.49 -13.02 -29.37
C SER B 113 4.00 -12.69 -29.22
N LYS B 114 3.14 -13.53 -29.80
CA LYS B 114 1.69 -13.34 -29.76
C LYS B 114 1.17 -13.52 -28.33
N VAL B 115 1.79 -14.44 -27.59
CA VAL B 115 1.48 -14.67 -26.18
C VAL B 115 1.76 -13.40 -25.38
N ILE B 116 2.91 -12.78 -25.63
CA ILE B 116 3.28 -11.57 -24.94
C ILE B 116 2.31 -10.43 -25.30
N SER B 117 1.98 -10.29 -26.58
CA SER B 117 1.04 -9.25 -27.02
C SER B 117 -0.31 -9.39 -26.32
N ARG B 118 -0.77 -10.63 -26.19
CA ARG B 118 -2.05 -10.92 -25.55
C ARG B 118 -2.08 -10.43 -24.10
N CYS B 119 -1.15 -10.95 -23.31
CA CYS B 119 -1.06 -10.67 -21.88
C CYS B 119 -0.75 -9.20 -21.62
N LEU B 120 0.05 -8.62 -22.50
CA LEU B 120 0.30 -7.19 -22.51
C LEU B 120 -1.05 -6.46 -22.53
N PHE B 121 -1.85 -6.69 -23.56
CA PHE B 121 -3.10 -5.94 -23.74
C PHE B 121 -4.07 -6.17 -22.58
N LEU B 122 -4.26 -7.43 -22.18
CA LEU B 122 -5.19 -7.75 -21.10
C LEU B 122 -4.75 -7.22 -19.71
N GLU B 123 -3.44 -7.12 -19.45
CA GLU B 123 -2.97 -6.62 -18.16
C GLU B 123 -3.15 -5.10 -17.97
N THR B 124 -3.33 -4.35 -19.07
CA THR B 124 -3.67 -2.93 -18.96
C THR B 124 -5.12 -2.76 -18.51
N VAL B 125 -5.98 -3.66 -18.96
CA VAL B 125 -7.36 -3.69 -18.48
C VAL B 125 -7.38 -4.25 -17.05
N ALA B 126 -6.64 -5.33 -16.84
CA ALA B 126 -6.59 -6.02 -15.53
C ALA B 126 -6.31 -5.12 -14.32
N GLY B 127 -5.46 -4.11 -14.50
CA GLY B 127 -5.14 -3.17 -13.42
C GLY B 127 -6.21 -2.13 -13.10
N VAL B 128 -7.34 -2.15 -13.79
CA VAL B 128 -8.35 -1.10 -13.60
C VAL B 128 -9.44 -1.37 -12.54
N PRO B 129 -10.01 -2.59 -12.49
CA PRO B 129 -11.14 -2.76 -11.55
C PRO B 129 -10.80 -2.57 -10.07
N GLY B 130 -9.61 -3.03 -9.66
CA GLY B 130 -9.18 -2.91 -8.27
C GLY B 130 -8.99 -1.46 -7.86
N MET B 131 -8.51 -0.66 -8.80
CA MET B 131 -8.34 0.75 -8.58
C MET B 131 -9.69 1.45 -8.39
N VAL B 132 -10.69 1.15 -9.24
CA VAL B 132 -11.97 1.89 -9.12
C VAL B 132 -12.74 1.37 -7.91
N GLY B 133 -12.64 0.08 -7.64
CA GLY B 133 -13.23 -0.46 -6.41
C GLY B 133 -12.62 0.18 -5.16
N GLY B 134 -11.29 0.18 -5.11
CA GLY B 134 -10.55 0.75 -3.99
C GLY B 134 -10.78 2.24 -3.86
N MET B 135 -10.84 2.93 -5.00
CA MET B 135 -11.13 4.35 -5.01
C MET B 135 -12.53 4.59 -4.42
N LEU B 136 -13.51 3.79 -4.85
CA LEU B 136 -14.91 3.97 -4.41
C LEU B 136 -15.14 3.66 -2.93
N ARG B 137 -14.59 2.57 -2.43
CA ARG B 137 -14.71 2.30 -0.99
C ARG B 137 -13.91 3.30 -0.15
N HIS B 138 -12.86 3.86 -0.76
CA HIS B 138 -12.10 4.91 -0.08
C HIS B 138 -12.94 6.18 0.09
N LEU B 139 -13.39 6.73 -1.03
CA LEU B 139 -14.26 7.90 -1.03
C LEU B 139 -15.51 7.72 -0.18
N SER B 140 -16.05 6.51 -0.18
CA SER B 140 -17.24 6.22 0.63
C SER B 140 -16.91 6.24 2.12
N SER B 141 -15.83 5.56 2.51
CA SER B 141 -15.35 5.58 3.88
C SER B 141 -15.16 7.02 4.39
N LEU B 142 -14.68 7.89 3.50
CA LEU B 142 -14.45 9.30 3.83
C LEU B 142 -15.76 10.06 4.08
N ARG B 143 -16.77 9.83 3.25
CA ARG B 143 -18.00 10.65 3.34
C ARG B 143 -19.08 10.08 4.27
N TYR B 144 -18.93 8.84 4.73
CA TYR B 144 -19.80 8.29 5.76
C TYR B 144 -19.05 8.11 7.08
N MET B 145 -17.75 8.41 7.07
CA MET B 145 -16.93 8.33 8.28
C MET B 145 -17.05 6.94 8.91
N THR B 146 -16.97 5.93 8.05
CA THR B 146 -17.10 4.55 8.46
C THR B 146 -15.85 3.76 8.23
N ARG B 147 -15.65 2.76 9.07
CA ARG B 147 -14.54 1.84 8.92
C ARG B 147 -14.72 1.12 7.59
N ASP B 148 -13.61 0.79 6.94
CA ASP B 148 -13.61 0.01 5.70
C ASP B 148 -13.21 -1.45 5.95
N LYS B 149 -12.50 -1.69 7.05
CA LYS B 149 -12.22 -3.02 7.56
C LYS B 149 -11.38 -3.90 6.61
N GLY B 150 -10.52 -3.23 5.83
CA GLY B 150 -9.50 -3.94 5.06
C GLY B 150 -9.76 -4.13 3.57
N TRP B 151 -10.87 -3.60 3.06
CA TRP B 151 -11.21 -3.82 1.67
C TRP B 151 -10.32 -3.00 0.74
N ILE B 152 -10.22 -1.70 1.02
CA ILE B 152 -9.52 -0.77 0.16
C ILE B 152 -8.10 -1.22 -0.16
N ASN B 153 -7.37 -1.61 0.88
CA ASN B 153 -5.97 -1.96 0.71
C ASN B 153 -5.83 -3.22 -0.16
N THR B 154 -6.66 -4.23 0.05
CA THR B 154 -6.61 -5.44 -0.78
C THR B 154 -6.85 -5.08 -2.25
N LEU B 155 -7.79 -4.18 -2.51
CA LEU B 155 -8.13 -3.82 -3.89
C LEU B 155 -7.06 -2.95 -4.57
N LEU B 156 -6.43 -2.06 -3.80
CA LEU B 156 -5.35 -1.23 -4.35
C LEU B 156 -4.08 -2.06 -4.63
N VAL B 157 -3.72 -3.00 -3.75
CA VAL B 157 -2.54 -3.84 -4.01
C VAL B 157 -2.80 -4.85 -5.14
N GLU B 158 -4.05 -5.26 -5.30
CA GLU B 158 -4.44 -6.02 -6.49
C GLU B 158 -4.17 -5.19 -7.76
N ALA B 159 -4.66 -3.95 -7.78
CA ALA B 159 -4.42 -3.08 -8.93
C ALA B 159 -2.92 -2.97 -9.21
N GLU B 160 -2.14 -2.66 -8.17
CA GLU B 160 -0.68 -2.62 -8.28
C GLU B 160 -0.10 -3.92 -8.85
N ASN B 161 -0.65 -5.04 -8.39
CA ASN B 161 -0.16 -6.35 -8.79
C ASN B 161 -0.27 -6.57 -10.29
N GLU B 162 -1.43 -6.25 -10.85
CA GLU B 162 -1.66 -6.40 -12.28
C GLU B 162 -0.77 -5.41 -13.04
N ARG B 163 -0.69 -4.19 -12.50
CA ARG B 163 0.25 -3.19 -12.97
C ARG B 163 1.63 -3.78 -13.14
N MET B 164 2.06 -4.57 -12.18
CA MET B 164 3.39 -5.20 -12.21
C MET B 164 3.47 -6.39 -13.18
N HIS B 165 2.33 -7.02 -13.45
CA HIS B 165 2.24 -7.98 -14.55
C HIS B 165 2.50 -7.25 -15.84
N LEU B 166 1.93 -6.05 -15.97
CA LEU B 166 2.12 -5.23 -17.17
C LEU B 166 3.58 -4.82 -17.34
N MET B 167 4.17 -4.31 -16.26
CA MET B 167 5.55 -3.83 -16.28
C MET B 167 6.55 -4.96 -16.55
N THR B 168 6.19 -6.19 -16.20
CA THR B 168 6.98 -7.36 -16.57
C THR B 168 6.95 -7.61 -18.09
N PHE B 169 5.75 -7.64 -18.66
CA PHE B 169 5.58 -8.03 -20.06
C PHE B 169 6.12 -6.98 -21.03
N ILE B 170 5.96 -5.70 -20.69
CA ILE B 170 6.40 -4.64 -21.57
C ILE B 170 7.92 -4.67 -21.80
N GLU B 171 8.66 -5.33 -20.92
CA GLU B 171 10.09 -5.59 -21.11
C GLU B 171 10.34 -6.65 -22.20
N LEU B 172 9.35 -7.49 -22.46
CA LEU B 172 9.53 -8.64 -23.36
C LEU B 172 9.04 -8.37 -24.78
N ARG B 173 8.24 -7.32 -24.98
CA ARG B 173 7.95 -6.87 -26.34
C ARG B 173 7.55 -5.40 -26.38
N GLN B 174 8.08 -4.71 -27.39
CA GLN B 174 7.81 -3.28 -27.60
C GLN B 174 6.68 -3.17 -28.62
N PRO B 175 5.48 -2.73 -28.18
CA PRO B 175 4.30 -2.75 -29.05
C PRO B 175 4.28 -1.61 -30.06
N GLY B 176 3.77 -1.89 -31.25
CA GLY B 176 3.62 -0.88 -32.29
C GLY B 176 2.40 -0.01 -32.05
N LEU B 177 2.33 1.09 -32.80
CA LEU B 177 1.28 2.11 -32.63
C LEU B 177 -0.18 1.61 -32.62
N PRO B 178 -0.52 0.62 -33.47
CA PRO B 178 -1.92 0.15 -33.46
C PRO B 178 -2.35 -0.42 -32.11
N LEU B 179 -1.48 -1.21 -31.49
CA LEU B 179 -1.77 -1.81 -30.20
C LEU B 179 -1.95 -0.75 -29.11
N ARG B 180 -1.10 0.27 -29.11
CA ARG B 180 -1.20 1.37 -28.12
C ARG B 180 -2.52 2.14 -28.23
N VAL B 181 -2.99 2.36 -29.45
CA VAL B 181 -4.26 3.09 -29.67
C VAL B 181 -5.43 2.26 -29.17
N SER B 182 -5.34 0.95 -29.34
CA SER B 182 -6.37 0.04 -28.79
C SER B 182 -6.37 0.15 -27.26
N ILE B 183 -5.18 0.14 -26.69
CA ILE B 183 -5.01 0.15 -25.24
C ILE B 183 -5.64 1.40 -24.62
N ILE B 184 -5.49 2.54 -25.29
CA ILE B 184 -6.02 3.82 -24.77
C ILE B 184 -7.56 3.90 -24.80
N ILE B 185 -8.18 3.56 -25.93
CA ILE B 185 -9.64 3.69 -26.01
C ILE B 185 -10.28 2.62 -25.13
N THR B 186 -9.62 1.45 -25.07
CA THR B 186 -10.08 0.36 -24.23
C THR B 186 -10.14 0.80 -22.77
N GLN B 187 -9.11 1.49 -22.29
CA GLN B 187 -9.12 1.96 -20.90
C GLN B 187 -10.25 2.95 -20.65
N ALA B 188 -10.43 3.91 -21.56
CA ALA B 188 -11.53 4.86 -21.44
C ALA B 188 -12.85 4.12 -21.30
N ILE B 189 -13.08 3.17 -22.20
CA ILE B 189 -14.31 2.36 -22.19
C ILE B 189 -14.41 1.49 -20.92
N MET B 190 -13.34 0.76 -20.60
CA MET B 190 -13.33 -0.11 -19.43
C MET B 190 -13.40 0.65 -18.10
N TYR B 191 -12.78 1.82 -18.05
CA TYR B 191 -12.86 2.68 -16.85
C TYR B 191 -14.30 3.09 -16.58
N LEU B 192 -14.89 3.77 -17.57
CA LEU B 192 -16.27 4.25 -17.46
C LEU B 192 -17.24 3.13 -17.15
N PHE B 193 -17.08 2.00 -17.86
CA PHE B 193 -17.90 0.83 -17.60
C PHE B 193 -17.80 0.40 -16.14
N LEU B 194 -16.59 0.05 -15.71
CA LEU B 194 -16.37 -0.40 -14.33
C LEU B 194 -16.82 0.63 -13.28
N LEU B 195 -16.63 1.91 -13.59
CA LEU B 195 -17.06 2.98 -12.69
C LEU B 195 -18.57 2.91 -12.44
N VAL B 196 -19.36 3.03 -13.50
CA VAL B 196 -20.81 2.99 -13.34
C VAL B 196 -21.24 1.61 -12.80
N ALA B 197 -20.60 0.54 -13.27
CA ALA B 197 -20.95 -0.81 -12.83
C ALA B 197 -20.77 -1.02 -11.33
N TYR B 198 -19.68 -0.49 -10.78
CA TYR B 198 -19.39 -0.64 -9.34
C TYR B 198 -20.38 0.18 -8.49
N VAL B 199 -20.88 1.29 -9.04
CA VAL B 199 -21.86 2.11 -8.34
C VAL B 199 -23.26 1.50 -8.45
N ILE B 200 -23.54 0.79 -9.54
CA ILE B 200 -24.85 0.14 -9.73
C ILE B 200 -24.91 -1.18 -8.97
N SER B 201 -23.90 -2.04 -9.15
CA SER B 201 -23.85 -3.33 -8.48
C SER B 201 -22.40 -3.76 -8.27
N PRO B 202 -21.82 -3.40 -7.11
CA PRO B 202 -20.45 -3.85 -6.87
C PRO B 202 -20.31 -5.37 -6.99
N ARG B 203 -21.32 -6.12 -6.60
CA ARG B 203 -21.23 -7.58 -6.58
C ARG B 203 -21.15 -8.19 -7.99
N PHE B 204 -21.69 -7.46 -8.97
CA PHE B 204 -21.49 -7.82 -10.36
C PHE B 204 -20.03 -7.64 -10.74
N VAL B 205 -19.47 -6.46 -10.45
CA VAL B 205 -18.09 -6.15 -10.80
C VAL B 205 -17.14 -7.19 -10.17
N HIS B 206 -17.37 -7.53 -8.90
CA HIS B 206 -16.51 -8.48 -8.22
C HIS B 206 -16.65 -9.89 -8.84
N ARG B 207 -17.88 -10.31 -9.14
CA ARG B 207 -18.13 -11.61 -9.74
C ARG B 207 -17.65 -11.68 -11.19
N PHE B 208 -17.73 -10.55 -11.88
CA PHE B 208 -17.17 -10.39 -13.22
C PHE B 208 -15.67 -10.66 -13.19
N VAL B 209 -14.98 -9.93 -12.30
CA VAL B 209 -13.54 -10.08 -12.10
C VAL B 209 -13.19 -11.52 -11.71
N GLY B 210 -13.92 -12.09 -10.76
CA GLY B 210 -13.71 -13.49 -10.38
C GLY B 210 -13.68 -14.41 -11.58
N TYR B 211 -14.58 -14.16 -12.54
CA TYR B 211 -14.65 -14.99 -13.74
C TYR B 211 -13.52 -14.66 -14.71
N LEU B 212 -13.15 -13.38 -14.84
CA LEU B 212 -11.98 -12.98 -15.63
C LEU B 212 -10.74 -13.73 -15.17
N GLU B 213 -10.58 -13.84 -13.85
CA GLU B 213 -9.40 -14.44 -13.27
C GLU B 213 -9.44 -15.96 -13.38
N GLU B 214 -10.63 -16.54 -13.31
CA GLU B 214 -10.80 -17.95 -13.66
C GLU B 214 -10.18 -18.20 -15.04
N GLU B 215 -10.44 -17.27 -15.96
CA GLU B 215 -9.91 -17.34 -17.32
C GLU B 215 -8.42 -17.05 -17.46
N ALA B 216 -7.94 -16.08 -16.69
CA ALA B 216 -6.51 -15.77 -16.68
C ALA B 216 -5.70 -16.98 -16.24
N VAL B 217 -6.22 -17.73 -15.27
CA VAL B 217 -5.51 -18.90 -14.75
C VAL B 217 -5.45 -20.01 -15.81
N ILE B 218 -6.50 -20.11 -16.62
CA ILE B 218 -6.53 -21.05 -17.74
C ILE B 218 -5.45 -20.68 -18.74
N THR B 219 -5.51 -19.44 -19.22
CA THR B 219 -4.54 -18.91 -20.16
C THR B 219 -3.11 -19.18 -19.70
N TYR B 220 -2.78 -18.74 -18.48
CA TYR B 220 -1.44 -18.91 -17.95
C TYR B 220 -1.06 -20.36 -17.75
N THR B 221 -2.05 -21.19 -17.38
CA THR B 221 -1.82 -22.61 -17.31
C THR B 221 -1.49 -23.16 -18.70
N GLY B 222 -2.30 -22.78 -19.70
CA GLY B 222 -2.05 -23.14 -21.09
C GLY B 222 -0.68 -22.70 -21.61
N VAL B 223 -0.19 -21.56 -21.12
CA VAL B 223 1.16 -21.11 -21.46
C VAL B 223 2.21 -22.00 -20.79
N MET B 224 1.99 -22.38 -19.54
CA MET B 224 2.92 -23.29 -18.85
C MET B 224 2.93 -24.69 -19.50
N ARG B 225 1.76 -25.25 -19.78
CA ARG B 225 1.66 -26.51 -20.50
C ARG B 225 2.51 -26.43 -21.78
N ALA B 226 2.21 -25.44 -22.61
CA ALA B 226 2.88 -25.24 -23.90
C ALA B 226 4.40 -25.15 -23.81
N ILE B 227 4.93 -24.58 -22.73
CA ILE B 227 6.37 -24.63 -22.46
C ILE B 227 6.84 -26.06 -22.23
N ASP B 228 6.07 -26.81 -21.41
CA ASP B 228 6.40 -28.20 -21.10
C ASP B 228 6.36 -29.10 -22.34
N GLU B 229 5.49 -28.77 -23.30
CA GLU B 229 5.39 -29.49 -24.58
C GLU B 229 6.57 -29.25 -25.52
N GLY B 230 7.22 -28.10 -25.37
CA GLY B 230 8.22 -27.63 -26.33
C GLY B 230 7.62 -26.70 -27.38
N ARG B 231 6.33 -26.41 -27.30
CA ARG B 231 5.70 -25.51 -28.27
C ARG B 231 6.12 -24.05 -28.03
N LEU B 232 6.35 -23.69 -26.77
CA LEU B 232 6.98 -22.40 -26.43
C LEU B 232 8.31 -22.69 -25.74
N ARG B 233 9.38 -22.07 -26.23
CA ARG B 233 10.73 -22.35 -25.74
C ARG B 233 11.49 -21.04 -25.54
N PRO B 234 11.09 -20.26 -24.52
CA PRO B 234 11.63 -18.92 -24.33
C PRO B 234 13.15 -18.85 -24.35
N THR B 235 13.70 -18.35 -25.46
CA THR B 235 15.08 -17.84 -25.48
C THR B 235 15.15 -16.63 -24.54
N LYS B 236 13.98 -16.06 -24.22
CA LYS B 236 13.84 -15.04 -23.18
C LYS B 236 13.69 -15.68 -21.78
N ASN B 237 14.36 -16.81 -21.53
CA ASN B 237 14.35 -17.46 -20.21
C ASN B 237 15.17 -16.71 -19.17
N ASP B 238 15.82 -15.63 -19.61
CA ASP B 238 16.23 -14.53 -18.74
C ASP B 238 14.98 -13.69 -18.44
N VAL B 239 14.44 -13.80 -17.22
CA VAL B 239 13.24 -13.08 -16.86
C VAL B 239 13.62 -11.66 -16.41
N PRO B 240 12.72 -10.67 -16.60
CA PRO B 240 13.09 -9.28 -16.32
C PRO B 240 13.52 -9.00 -14.88
N GLU B 241 14.50 -8.10 -14.74
CA GLU B 241 14.94 -7.59 -13.44
C GLU B 241 13.75 -7.19 -12.56
N VAL B 242 12.82 -6.44 -13.15
CA VAL B 242 11.63 -5.93 -12.44
C VAL B 242 10.84 -7.07 -11.79
N ALA B 243 10.78 -8.20 -12.48
CA ALA B 243 10.04 -9.36 -12.01
C ALA B 243 10.80 -10.10 -10.93
N ARG B 244 12.10 -10.30 -11.15
CA ARG B 244 12.90 -11.09 -10.21
C ARG B 244 12.92 -10.46 -8.82
N VAL B 245 12.92 -9.14 -8.75
CA VAL B 245 12.85 -8.48 -7.45
C VAL B 245 11.41 -8.50 -6.92
N TYR B 246 10.43 -8.27 -7.79
CA TYR B 246 9.02 -8.25 -7.35
C TYR B 246 8.54 -9.57 -6.77
N TRP B 247 8.85 -10.66 -7.46
CA TRP B 247 8.47 -12.00 -6.99
C TRP B 247 9.62 -12.69 -6.28
N ASN B 248 10.72 -11.97 -6.03
CA ASN B 248 11.85 -12.54 -5.29
C ASN B 248 12.33 -13.85 -5.93
N LEU B 249 12.42 -13.86 -7.26
CA LEU B 249 12.86 -15.05 -7.99
C LEU B 249 14.37 -15.05 -8.09
N SER B 250 14.97 -16.24 -8.04
CA SER B 250 16.42 -16.36 -8.11
C SER B 250 16.89 -16.09 -9.53
N LYS B 251 18.20 -15.97 -9.70
CA LYS B 251 18.78 -15.63 -10.98
C LYS B 251 18.67 -16.83 -11.94
N ASN B 252 18.48 -18.03 -11.38
CA ASN B 252 18.26 -19.25 -12.16
C ASN B 252 16.83 -19.41 -12.71
N ALA B 253 15.91 -18.54 -12.30
CA ALA B 253 14.48 -18.71 -12.60
C ALA B 253 14.17 -18.67 -14.10
N THR B 254 13.23 -19.51 -14.53
CA THR B 254 12.83 -19.61 -15.93
C THR B 254 11.60 -18.77 -16.25
N PHE B 255 11.35 -18.54 -17.53
CA PHE B 255 10.13 -17.85 -17.96
C PHE B 255 8.91 -18.59 -17.42
N ARG B 256 8.97 -19.91 -17.42
CA ARG B 256 7.87 -20.72 -16.88
C ARG B 256 7.59 -20.38 -15.41
N ASP B 257 8.64 -20.18 -14.61
CA ASP B 257 8.52 -19.77 -13.20
C ASP B 257 7.81 -18.41 -13.06
N LEU B 258 8.16 -17.48 -13.96
CA LEU B 258 7.50 -16.18 -14.04
C LEU B 258 6.01 -16.35 -14.26
N ILE B 259 5.67 -17.19 -15.23
CA ILE B 259 4.27 -17.40 -15.56
C ILE B 259 3.56 -18.08 -14.40
N ASN B 260 4.28 -18.96 -13.72
CA ASN B 260 3.80 -19.62 -12.52
C ASN B 260 3.39 -18.63 -11.40
N VAL B 261 4.23 -17.65 -11.09
CA VAL B 261 3.91 -16.67 -10.02
C VAL B 261 2.79 -15.71 -10.44
N ILE B 262 2.81 -15.29 -11.70
CA ILE B 262 1.77 -14.43 -12.24
C ILE B 262 0.42 -15.14 -12.15
N ARG B 263 0.42 -16.43 -12.47
CA ARG B 263 -0.75 -17.25 -12.40
C ARG B 263 -1.27 -17.40 -10.96
N ALA B 264 -0.35 -17.52 -10.02
CA ALA B 264 -0.71 -17.60 -8.61
C ALA B 264 -1.38 -16.30 -8.14
N ASP B 265 -0.82 -15.17 -8.53
CA ASP B 265 -1.47 -13.85 -8.27
C ASP B 265 -2.90 -13.81 -8.82
N GLU B 266 -3.08 -14.37 -10.02
CA GLU B 266 -4.39 -14.33 -10.68
C GLU B 266 -5.38 -15.20 -9.94
N ALA B 267 -4.89 -16.33 -9.43
CA ALA B 267 -5.75 -17.23 -8.65
C ALA B 267 -6.10 -16.63 -7.29
N GLU B 268 -5.24 -15.77 -6.75
CA GLU B 268 -5.58 -15.05 -5.52
C GLU B 268 -6.70 -14.05 -5.81
N HIS B 269 -6.57 -13.31 -6.87
CA HIS B 269 -7.58 -12.36 -7.23
C HIS B 269 -8.87 -13.10 -7.51
N ARG B 270 -8.78 -14.24 -8.12
CA ARG B 270 -9.96 -15.05 -8.43
C ARG B 270 -10.80 -15.24 -7.18
N VAL B 271 -10.23 -15.91 -6.18
CA VAL B 271 -10.94 -16.26 -4.95
C VAL B 271 -11.32 -15.05 -4.11
N VAL B 272 -10.50 -13.99 -4.15
CA VAL B 272 -10.77 -12.79 -3.37
C VAL B 272 -11.98 -12.09 -3.98
N ASN B 273 -11.98 -11.93 -5.29
CA ASN B 273 -13.09 -11.28 -5.93
C ASN B 273 -14.38 -12.11 -5.85
N HIS B 274 -14.29 -13.42 -5.99
CA HIS B 274 -15.47 -14.26 -5.77
C HIS B 274 -15.95 -14.22 -4.33
N THR B 275 -15.01 -14.06 -3.39
CA THR B 275 -15.35 -13.93 -1.99
C THR B 275 -16.02 -12.57 -1.74
N PHE B 276 -15.56 -11.50 -2.40
CA PHE B 276 -16.15 -10.17 -2.22
C PHE B 276 -17.52 -10.08 -2.88
N ALA B 277 -17.73 -10.87 -3.94
CA ALA B 277 -19.04 -10.93 -4.59
C ALA B 277 -20.06 -11.66 -3.69
N ASP B 278 -19.65 -12.78 -3.11
CA ASP B 278 -20.47 -13.51 -2.13
C ASP B 278 -20.89 -12.65 -0.94
N MET B 279 -19.96 -11.83 -0.44
CA MET B 279 -20.23 -11.00 0.73
C MET B 279 -21.27 -9.95 0.40
N HIS B 280 -21.10 -9.29 -0.74
CA HIS B 280 -22.13 -8.39 -1.26
C HIS B 280 -23.50 -9.06 -1.43
N GLU B 281 -23.48 -10.35 -1.77
CA GLU B 281 -24.70 -11.14 -2.00
C GLU B 281 -25.42 -11.34 -0.67
N LYS B 282 -24.64 -11.56 0.38
CA LYS B 282 -25.19 -11.82 1.71
C LYS B 282 -25.27 -10.56 2.58
N ARG B 283 -25.16 -9.38 1.96
CA ARG B 283 -25.21 -8.10 2.67
C ARG B 283 -24.14 -8.02 3.76
N LEU B 284 -22.94 -8.43 3.40
CA LEU B 284 -21.78 -8.45 4.29
C LEU B 284 -20.69 -7.51 3.75
N GLN B 285 -21.07 -6.55 2.92
CA GLN B 285 -20.08 -5.65 2.26
C GLN B 285 -19.48 -4.66 3.24
N ASN B 286 -20.10 -4.51 4.42
CA ASN B 286 -19.57 -3.65 5.46
C ASN B 286 -19.01 -4.51 6.59
N SER B 287 -18.66 -5.74 6.26
CA SER B 287 -18.04 -6.63 7.21
C SER B 287 -16.53 -6.65 6.95
N VAL B 288 -15.82 -7.36 7.82
CA VAL B 288 -14.38 -7.47 7.73
C VAL B 288 -13.97 -8.23 6.46
N ASN B 289 -12.98 -7.69 5.75
CA ASN B 289 -12.32 -8.41 4.67
C ASN B 289 -11.61 -9.58 5.30
N PRO B 290 -12.09 -10.82 5.07
CA PRO B 290 -11.49 -11.93 5.78
C PRO B 290 -10.02 -12.17 5.43
N PHE B 291 -9.57 -11.62 4.29
CA PHE B 291 -8.20 -11.88 3.80
C PHE B 291 -7.09 -11.13 4.52
N VAL B 292 -7.38 -9.93 5.01
CA VAL B 292 -6.39 -9.21 5.80
C VAL B 292 -6.02 -9.98 7.08
N VAL B 293 -6.94 -10.80 7.58
CA VAL B 293 -6.64 -11.68 8.71
C VAL B 293 -6.08 -13.05 8.25
N LEU B 294 -6.59 -13.58 7.14
CA LEU B 294 -6.11 -14.86 6.60
C LEU B 294 -4.66 -14.85 6.09
N LYS B 295 -4.14 -13.67 5.76
CA LYS B 295 -2.71 -13.50 5.42
C LYS B 295 -1.97 -12.79 6.57
N LYS B 296 -2.62 -12.69 7.73
CA LYS B 296 -2.06 -12.04 8.92
C LYS B 296 -1.46 -10.66 8.62
N VAL C 32 -0.02 -20.80 6.42
CA VAL C 32 0.56 -19.84 5.41
C VAL C 32 -0.48 -19.46 4.34
N TRP C 33 -0.01 -18.90 3.22
CA TRP C 33 -0.92 -18.49 2.13
C TRP C 33 -0.44 -19.05 0.78
N GLY C 34 -0.90 -20.25 0.45
CA GLY C 34 -0.48 -20.94 -0.79
C GLY C 34 -1.62 -21.59 -1.56
N HIS C 35 -1.28 -22.60 -2.36
CA HIS C 35 -2.24 -23.19 -3.31
C HIS C 35 -3.52 -23.71 -2.66
N THR C 36 -3.40 -24.28 -1.47
CA THR C 36 -4.58 -24.72 -0.72
C THR C 36 -5.64 -23.61 -0.66
N GLN C 37 -5.21 -22.40 -0.33
CA GLN C 37 -6.12 -21.27 -0.21
C GLN C 37 -6.53 -20.70 -1.58
N LEU C 38 -5.56 -20.65 -2.52
CA LEU C 38 -5.81 -20.11 -3.86
C LEU C 38 -6.79 -20.95 -4.68
N ASN C 39 -6.92 -22.24 -4.34
CA ASN C 39 -7.85 -23.13 -5.05
C ASN C 39 -9.25 -23.16 -4.45
N ARG C 40 -9.40 -22.63 -3.24
CA ARG C 40 -10.72 -22.54 -2.63
C ARG C 40 -11.58 -21.64 -3.49
N LEU C 41 -12.87 -21.96 -3.57
CA LEU C 41 -13.81 -21.20 -4.39
C LEU C 41 -14.23 -19.90 -3.73
N SER C 42 -14.32 -19.89 -2.40
CA SER C 42 -14.69 -18.68 -1.65
C SER C 42 -14.44 -18.84 -0.18
N PHE C 43 -14.16 -17.71 0.48
CA PHE C 43 -14.02 -17.67 1.94
C PHE C 43 -15.20 -16.98 2.62
N LEU C 44 -16.36 -17.06 1.99
CA LEU C 44 -17.60 -16.59 2.64
C LEU C 44 -17.78 -17.26 4.00
N GLU C 45 -17.58 -18.58 4.05
CA GLU C 45 -17.79 -19.35 5.28
C GLU C 45 -16.91 -18.89 6.44
N THR C 46 -15.89 -18.09 6.13
CA THR C 46 -14.90 -17.65 7.10
C THR C 46 -15.24 -16.32 7.79
N VAL C 47 -16.01 -15.44 7.14
CA VAL C 47 -16.20 -14.07 7.68
C VAL C 47 -16.89 -14.01 9.05
N PRO C 48 -17.79 -14.96 9.35
CA PRO C 48 -18.37 -14.93 10.70
C PRO C 48 -17.39 -15.21 11.87
N VAL C 49 -16.24 -15.82 11.59
CA VAL C 49 -15.25 -16.08 12.66
C VAL C 49 -13.92 -15.30 12.55
N VAL C 50 -13.88 -14.20 11.77
CA VAL C 50 -12.68 -13.35 11.74
C VAL C 50 -12.85 -12.17 12.70
N PRO C 51 -11.84 -11.92 13.55
CA PRO C 51 -11.92 -10.76 14.46
C PRO C 51 -11.96 -9.41 13.77
N LEU C 52 -12.72 -8.47 14.35
CA LEU C 52 -12.59 -7.06 14.01
C LEU C 52 -11.37 -6.55 14.79
N ARG C 53 -10.25 -6.45 14.06
CA ARG C 53 -8.95 -6.07 14.61
C ARG C 53 -8.58 -4.70 14.06
N VAL C 54 -8.34 -3.76 14.96
CA VAL C 54 -8.20 -2.36 14.57
C VAL C 54 -6.92 -2.14 13.73
N SER C 55 -5.95 -3.06 13.83
CA SER C 55 -4.78 -3.02 12.95
C SER C 55 -5.08 -3.29 11.44
N ASP C 56 -6.27 -3.83 11.14
CA ASP C 56 -6.61 -4.16 9.76
C ASP C 56 -7.25 -2.99 8.99
N GLU C 57 -7.38 -1.82 9.61
CA GLU C 57 -8.12 -0.71 8.99
C GLU C 57 -7.24 0.09 8.01
N SER C 58 -5.94 -0.15 8.09
CA SER C 58 -4.98 0.41 7.13
C SER C 58 -4.00 -0.68 6.71
N SER C 59 -3.18 -0.38 5.71
CA SER C 59 -2.04 -1.22 5.35
C SER C 59 -1.08 -1.29 6.52
N GLU C 60 -0.02 -2.07 6.36
CA GLU C 60 1.05 -2.14 7.36
C GLU C 60 2.09 -1.02 7.20
N ASP C 61 1.91 -0.18 6.19
CA ASP C 61 2.81 0.94 5.95
C ASP C 61 2.45 2.11 6.89
N ARG C 62 2.86 1.99 8.15
CA ARG C 62 2.46 2.91 9.21
C ARG C 62 3.51 3.98 9.45
N PRO C 63 3.08 5.20 9.83
CA PRO C 63 4.09 6.16 10.23
C PRO C 63 4.75 5.72 11.53
N THR C 64 6.05 5.90 11.62
CA THR C 64 6.82 5.52 12.80
C THR C 64 7.58 6.75 13.32
N TRP C 65 6.91 7.57 14.12
CA TRP C 65 7.51 8.81 14.63
C TRP C 65 8.02 8.60 16.06
N SER C 66 9.19 9.19 16.34
CA SER C 66 9.61 9.41 17.72
C SER C 66 9.08 10.75 18.20
N LEU C 67 8.29 10.73 19.27
CA LEU C 67 7.57 11.91 19.73
C LEU C 67 8.45 13.12 20.10
N PRO C 68 9.61 12.90 20.76
CA PRO C 68 10.56 13.99 20.98
C PRO C 68 11.11 14.64 19.71
N ASP C 69 11.40 13.84 18.70
CA ASP C 69 11.88 14.34 17.41
C ASP C 69 10.85 15.21 16.66
N ILE C 70 9.60 14.76 16.58
CA ILE C 70 8.59 15.47 15.76
C ILE C 70 7.97 16.67 16.48
N GLU C 71 8.24 16.81 17.77
CA GLU C 71 7.93 18.09 18.44
C GLU C 71 8.63 19.21 17.70
N ASN C 72 9.75 18.89 17.04
CA ASN C 72 10.52 19.85 16.27
C ASN C 72 10.00 20.10 14.86
N VAL C 73 8.86 19.53 14.50
CA VAL C 73 8.20 19.87 13.24
C VAL C 73 7.80 21.32 13.31
N ALA C 74 8.22 22.08 12.30
CA ALA C 74 8.04 23.52 12.27
C ALA C 74 6.99 23.99 11.25
N ILE C 75 6.54 25.22 11.45
CA ILE C 75 5.65 25.92 10.54
C ILE C 75 6.51 26.60 9.51
N THR C 76 6.51 26.07 8.29
CA THR C 76 7.34 26.58 7.21
C THR C 76 6.45 27.10 6.10
N HIS C 77 7.05 27.90 5.22
CA HIS C 77 6.34 28.45 4.09
C HIS C 77 7.22 28.45 2.85
N LYS C 78 6.83 27.68 1.84
CA LYS C 78 7.57 27.70 0.58
C LYS C 78 6.96 28.79 -0.27
N LYS C 79 7.77 29.78 -0.61
CA LYS C 79 7.29 30.96 -1.33
C LYS C 79 6.93 30.58 -2.76
N PRO C 80 5.76 31.06 -3.25
CA PRO C 80 5.33 30.81 -4.62
C PRO C 80 6.16 31.64 -5.61
N ASN C 81 6.53 31.04 -6.74
CA ASN C 81 7.29 31.77 -7.76
C ASN C 81 6.73 31.54 -9.17
N GLY C 82 5.56 32.10 -9.41
CA GLY C 82 4.91 31.99 -10.71
C GLY C 82 3.43 32.22 -10.60
N LEU C 83 2.74 32.05 -11.72
CA LEU C 83 1.31 32.31 -11.80
C LEU C 83 0.53 31.15 -11.17
N VAL C 84 0.90 29.93 -11.57
CA VAL C 84 0.27 28.72 -11.04
C VAL C 84 0.39 28.66 -9.51
N ASP C 85 1.61 28.86 -9.02
CA ASP C 85 1.90 28.84 -7.59
C ASP C 85 1.10 29.86 -6.80
N THR C 86 1.08 31.09 -7.29
CA THR C 86 0.41 32.18 -6.60
C THR C 86 -1.11 31.99 -6.63
N LEU C 87 -1.63 31.39 -7.69
CA LEU C 87 -3.03 31.03 -7.74
C LEU C 87 -3.33 29.91 -6.75
N ALA C 88 -2.40 28.96 -6.61
CA ALA C 88 -2.59 27.86 -5.66
C ALA C 88 -2.60 28.41 -4.23
N TYR C 89 -1.63 29.25 -3.91
CA TYR C 89 -1.55 29.89 -2.60
C TYR C 89 -2.80 30.71 -2.31
N ARG C 90 -3.14 31.62 -3.23
CA ARG C 90 -4.25 32.54 -3.01
C ARG C 90 -5.57 31.80 -2.79
N SER C 91 -5.77 30.69 -3.47
CA SER C 91 -7.02 29.93 -3.34
C SER C 91 -7.10 29.20 -1.99
N VAL C 92 -6.02 28.51 -1.62
CA VAL C 92 -5.90 27.95 -0.27
C VAL C 92 -6.10 29.02 0.79
N ARG C 93 -5.42 30.15 0.60
CA ARG C 93 -5.48 31.27 1.54
C ARG C 93 -6.90 31.81 1.67
N THR C 94 -7.56 31.97 0.52
CA THR C 94 -8.97 32.40 0.49
C THR C 94 -9.88 31.36 1.10
N CYS C 95 -9.64 30.09 0.78
CA CYS C 95 -10.41 28.99 1.36
C CYS C 95 -10.30 29.00 2.88
N ARG C 96 -9.08 29.19 3.39
CA ARG C 96 -8.85 29.28 4.83
C ARG C 96 -9.67 30.43 5.44
N TRP C 97 -9.60 31.61 4.83
CA TRP C 97 -10.38 32.76 5.32
C TRP C 97 -11.88 32.48 5.28
N LEU C 98 -12.39 32.03 4.13
CA LEU C 98 -13.80 31.63 3.99
C LEU C 98 -14.18 30.66 5.08
N PHE C 99 -13.35 29.63 5.26
CA PHE C 99 -13.61 28.61 6.28
C PHE C 99 -13.46 29.15 7.70
N ASP C 100 -12.35 29.82 8.00
CA ASP C 100 -12.11 30.40 9.33
C ASP C 100 -13.29 31.22 9.84
N THR C 101 -13.68 32.22 9.05
CA THR C 101 -14.70 33.17 9.47
C THR C 101 -16.08 32.53 9.52
N PHE C 102 -16.51 31.92 8.42
CA PHE C 102 -17.85 31.33 8.33
C PHE C 102 -18.00 29.99 9.06
N SER C 103 -16.90 29.47 9.62
CA SER C 103 -16.97 28.32 10.53
C SER C 103 -17.39 28.79 11.92
N LEU C 104 -16.66 29.75 12.46
CA LEU C 104 -16.85 30.24 13.83
C LEU C 104 -17.88 31.37 13.94
N TYR C 105 -18.37 31.86 12.81
CA TYR C 105 -19.59 32.69 12.77
C TYR C 105 -20.78 31.89 13.27
N ARG C 106 -20.86 30.64 12.80
CA ARG C 106 -21.99 29.76 13.09
C ARG C 106 -21.85 29.06 14.44
N PHE C 107 -20.80 28.23 14.58
CA PHE C 107 -20.65 27.35 15.74
C PHE C 107 -20.18 28.04 17.04
N GLY C 108 -19.71 29.29 16.93
CA GLY C 108 -19.33 30.09 18.11
C GLY C 108 -17.83 30.25 18.27
N SER C 109 -17.35 30.13 19.50
CA SER C 109 -15.93 30.32 19.81
C SER C 109 -15.11 29.04 19.51
N ILE C 110 -14.15 28.69 20.38
CA ILE C 110 -13.29 27.51 20.18
C ILE C 110 -13.21 26.69 21.48
N THR C 111 -13.60 25.42 21.40
CA THR C 111 -13.52 24.48 22.53
C THR C 111 -12.96 23.12 22.06
N GLU C 112 -12.85 22.17 22.99
CA GLU C 112 -12.50 20.79 22.66
C GLU C 112 -13.37 20.25 21.52
N SER C 113 -14.68 20.40 21.68
CA SER C 113 -15.66 19.87 20.73
C SER C 113 -15.50 20.43 19.32
N LYS C 114 -15.52 21.75 19.20
CA LYS C 114 -15.52 22.42 17.89
C LYS C 114 -14.23 22.24 17.09
N VAL C 115 -13.15 21.89 17.80
CA VAL C 115 -11.88 21.57 17.19
C VAL C 115 -12.00 20.24 16.44
N ILE C 116 -12.66 19.26 17.05
CA ILE C 116 -12.91 17.97 16.41
C ILE C 116 -13.82 18.16 15.21
N SER C 117 -14.84 19.00 15.33
CA SER C 117 -15.79 19.28 14.24
C SER C 117 -15.11 19.81 12.99
N ARG C 118 -14.17 20.74 13.18
CA ARG C 118 -13.40 21.31 12.07
C ARG C 118 -12.52 20.25 11.43
N CYS C 119 -11.82 19.49 12.28
CA CYS C 119 -10.82 18.53 11.83
C CYS C 119 -11.47 17.35 11.14
N LEU C 120 -12.55 16.85 11.75
CA LEU C 120 -13.37 15.80 11.19
C LEU C 120 -13.75 16.18 9.76
N PHE C 121 -14.31 17.38 9.60
CA PHE C 121 -14.77 17.83 8.29
C PHE C 121 -13.63 17.96 7.26
N LEU C 122 -12.51 18.54 7.67
CA LEU C 122 -11.43 18.77 6.74
C LEU C 122 -10.67 17.51 6.33
N GLU C 123 -10.47 16.57 7.27
CA GLU C 123 -9.81 15.30 6.96
C GLU C 123 -10.64 14.49 5.91
N THR C 124 -11.95 14.65 5.96
CA THR C 124 -12.88 14.20 4.92
C THR C 124 -12.42 14.61 3.52
N VAL C 125 -11.96 15.86 3.38
CA VAL C 125 -11.51 16.41 2.09
C VAL C 125 -10.05 16.10 1.79
N ALA C 126 -9.24 16.01 2.84
CA ALA C 126 -7.80 15.77 2.69
C ALA C 126 -7.48 14.38 2.14
N GLY C 127 -8.39 13.44 2.35
CA GLY C 127 -8.23 12.07 1.87
C GLY C 127 -8.38 11.87 0.37
N VAL C 128 -8.86 12.87 -0.36
CA VAL C 128 -9.13 12.65 -1.79
C VAL C 128 -7.97 13.00 -2.75
N PRO C 129 -7.25 14.11 -2.51
CA PRO C 129 -6.20 14.47 -3.49
C PRO C 129 -5.19 13.38 -3.86
N GLY C 130 -4.74 12.59 -2.89
CA GLY C 130 -3.77 11.55 -3.15
C GLY C 130 -4.43 10.38 -3.87
N MET C 131 -5.68 10.12 -3.54
CA MET C 131 -6.43 9.07 -4.17
C MET C 131 -6.61 9.40 -5.65
N VAL C 132 -6.98 10.65 -5.98
CA VAL C 132 -7.17 10.97 -7.39
C VAL C 132 -5.83 10.98 -8.13
N GLY C 133 -4.81 11.59 -7.53
CA GLY C 133 -3.50 11.73 -8.14
C GLY C 133 -2.77 10.41 -8.35
N GLY C 134 -2.90 9.52 -7.37
CA GLY C 134 -2.38 8.17 -7.50
C GLY C 134 -3.12 7.35 -8.56
N MET C 135 -4.44 7.40 -8.55
CA MET C 135 -5.24 6.69 -9.54
C MET C 135 -4.90 7.14 -10.95
N LEU C 136 -4.81 8.45 -11.17
CA LEU C 136 -4.46 9.01 -12.47
C LEU C 136 -3.07 8.55 -12.92
N ARG C 137 -2.12 8.52 -12.00
CA ARG C 137 -0.81 7.95 -12.33
C ARG C 137 -0.88 6.46 -12.61
N HIS C 138 -1.77 5.78 -11.90
CA HIS C 138 -1.96 4.35 -12.09
C HIS C 138 -2.47 4.09 -13.51
N LEU C 139 -3.50 4.85 -13.90
CA LEU C 139 -4.10 4.73 -15.21
C LEU C 139 -3.11 5.09 -16.31
N SER C 140 -2.44 6.23 -16.14
CA SER C 140 -1.42 6.62 -17.11
C SER C 140 -0.46 5.48 -17.33
N SER C 141 0.06 4.93 -16.22
CA SER C 141 0.99 3.81 -16.25
C SER C 141 0.48 2.63 -17.08
N LEU C 142 -0.78 2.28 -16.91
CA LEU C 142 -1.37 1.16 -17.62
C LEU C 142 -1.44 1.41 -19.13
N ARG C 143 -2.04 2.53 -19.53
CA ARG C 143 -2.30 2.77 -20.96
C ARG C 143 -1.08 3.13 -21.81
N TYR C 144 -0.11 3.85 -21.24
CA TYR C 144 1.14 4.13 -21.94
C TYR C 144 2.17 3.04 -21.68
N MET C 145 1.88 2.15 -20.72
CA MET C 145 2.80 1.09 -20.34
C MET C 145 4.16 1.68 -19.96
N THR C 146 4.12 2.64 -19.03
CA THR C 146 5.31 3.32 -18.57
C THR C 146 5.57 3.03 -17.10
N ARG C 147 6.85 2.95 -16.75
CA ARG C 147 7.25 2.84 -15.36
C ARG C 147 6.81 4.12 -14.65
N ASP C 148 6.41 3.98 -13.39
CA ASP C 148 5.93 5.09 -12.57
C ASP C 148 7.03 5.60 -11.63
N LYS C 149 7.85 4.68 -11.13
CA LYS C 149 9.06 5.01 -10.36
C LYS C 149 8.78 5.51 -8.95
N GLY C 150 7.73 4.97 -8.32
CA GLY C 150 7.49 5.15 -6.89
C GLY C 150 6.45 6.17 -6.48
N TRP C 151 5.91 6.93 -7.43
CA TRP C 151 4.93 7.98 -7.12
C TRP C 151 3.60 7.44 -6.63
N ILE C 152 3.06 6.44 -7.31
CA ILE C 152 1.68 5.99 -7.07
C ILE C 152 1.45 5.63 -5.61
N ASN C 153 2.36 4.83 -5.09
CA ASN C 153 2.22 4.34 -3.72
C ASN C 153 2.40 5.42 -2.66
N THR C 154 3.24 6.42 -2.93
CA THR C 154 3.35 7.56 -2.02
C THR C 154 1.97 8.24 -1.90
N LEU C 155 1.33 8.50 -3.04
CA LEU C 155 0.06 9.21 -3.07
C LEU C 155 -1.10 8.42 -2.47
N LEU C 156 -1.15 7.12 -2.75
CA LEU C 156 -2.19 6.26 -2.18
C LEU C 156 -2.04 6.14 -0.66
N VAL C 157 -0.79 6.01 -0.20
CA VAL C 157 -0.51 5.92 1.23
C VAL C 157 -0.81 7.25 1.93
N GLU C 158 -0.62 8.35 1.22
CA GLU C 158 -1.04 9.67 1.69
C GLU C 158 -2.56 9.73 1.90
N ALA C 159 -3.33 9.25 0.94
CA ALA C 159 -4.79 9.21 1.10
C ALA C 159 -5.21 8.29 2.25
N GLU C 160 -4.60 7.11 2.33
CA GLU C 160 -4.86 6.21 3.44
C GLU C 160 -4.58 6.90 4.77
N ASN C 161 -3.41 7.52 4.86
CA ASN C 161 -2.99 8.23 6.07
C ASN C 161 -4.02 9.28 6.47
N GLU C 162 -4.50 10.03 5.50
CA GLU C 162 -5.49 11.08 5.76
C GLU C 162 -6.82 10.47 6.20
N ARG C 163 -7.23 9.40 5.55
CA ARG C 163 -8.48 8.74 5.92
C ARG C 163 -8.41 8.33 7.37
N MET C 164 -7.28 7.77 7.76
CA MET C 164 -7.02 7.37 9.15
C MET C 164 -7.14 8.50 10.17
N HIS C 165 -6.66 9.69 9.83
CA HIS C 165 -6.92 10.86 10.67
C HIS C 165 -8.41 10.95 10.88
N LEU C 166 -9.18 10.78 9.80
CA LEU C 166 -10.66 10.83 9.87
C LEU C 166 -11.20 9.71 10.74
N MET C 167 -10.63 8.52 10.59
CA MET C 167 -11.03 7.37 11.41
C MET C 167 -10.79 7.62 12.89
N THR C 168 -9.81 8.47 13.19
CA THR C 168 -9.50 8.82 14.56
C THR C 168 -10.49 9.86 15.11
N PHE C 169 -10.77 10.91 14.34
CA PHE C 169 -11.61 11.97 14.83
C PHE C 169 -13.09 11.58 15.00
N ILE C 170 -13.53 10.55 14.26
CA ILE C 170 -14.90 10.03 14.38
C ILE C 170 -15.10 9.21 15.66
N GLU C 171 -14.02 8.73 16.24
CA GLU C 171 -14.04 8.05 17.53
C GLU C 171 -14.18 9.03 18.70
N LEU C 172 -13.89 10.30 18.46
CA LEU C 172 -13.91 11.30 19.51
C LEU C 172 -15.33 11.80 19.72
N ARG C 173 -15.92 12.39 18.67
CA ARG C 173 -17.32 12.82 18.76
C ARG C 173 -18.07 12.68 17.43
N GLN C 174 -19.36 12.36 17.52
CA GLN C 174 -20.22 12.14 16.36
C GLN C 174 -20.87 13.46 15.96
N PRO C 175 -20.83 13.81 14.65
CA PRO C 175 -21.38 15.09 14.22
C PRO C 175 -22.87 15.03 13.90
N GLY C 176 -23.47 16.19 13.69
CA GLY C 176 -24.89 16.30 13.39
C GLY C 176 -25.19 16.05 11.94
N LEU C 177 -26.49 16.03 11.63
CA LEU C 177 -26.97 15.83 10.26
C LEU C 177 -26.48 16.91 9.28
N PRO C 178 -26.50 18.20 9.67
CA PRO C 178 -25.96 19.24 8.80
C PRO C 178 -24.48 19.03 8.38
N LEU C 179 -23.66 18.53 9.29
CA LEU C 179 -22.28 18.17 8.96
C LEU C 179 -22.26 16.97 8.02
N ARG C 180 -22.87 15.88 8.46
CA ARG C 180 -22.99 14.67 7.63
C ARG C 180 -23.38 15.04 6.21
N VAL C 181 -24.45 15.83 6.08
CA VAL C 181 -24.93 16.28 4.77
C VAL C 181 -23.85 17.09 4.03
N SER C 182 -23.18 17.98 4.75
CA SER C 182 -22.18 18.86 4.13
C SER C 182 -20.93 18.17 3.59
N ILE C 183 -20.49 17.08 4.21
CA ILE C 183 -19.30 16.39 3.68
C ILE C 183 -19.61 15.65 2.37
N ILE C 184 -20.79 15.05 2.30
CA ILE C 184 -21.25 14.35 1.10
C ILE C 184 -21.15 15.28 -0.10
N ILE C 185 -21.76 16.44 0.03
CA ILE C 185 -21.81 17.41 -1.06
C ILE C 185 -20.43 17.99 -1.32
N THR C 186 -19.68 18.22 -0.25
CA THR C 186 -18.30 18.67 -0.35
C THR C 186 -17.42 17.66 -1.11
N GLN C 187 -17.61 16.37 -0.88
CA GLN C 187 -16.84 15.35 -1.60
C GLN C 187 -17.05 15.46 -3.11
N ALA C 188 -18.31 15.61 -3.53
CA ALA C 188 -18.66 15.66 -4.95
C ALA C 188 -18.00 16.82 -5.65
N ILE C 189 -18.02 17.99 -5.02
CA ILE C 189 -17.42 19.20 -5.61
C ILE C 189 -15.89 19.12 -5.64
N MET C 190 -15.28 18.73 -4.51
CA MET C 190 -13.81 18.62 -4.43
C MET C 190 -13.29 17.48 -5.30
N TYR C 191 -13.94 16.32 -5.24
CA TYR C 191 -13.52 15.20 -6.09
C TYR C 191 -13.45 15.63 -7.55
N LEU C 192 -14.51 16.30 -7.99
CA LEU C 192 -14.62 16.74 -9.37
C LEU C 192 -13.59 17.84 -9.64
N PHE C 193 -13.49 18.80 -8.72
CA PHE C 193 -12.55 19.91 -8.85
C PHE C 193 -11.10 19.44 -8.93
N LEU C 194 -10.74 18.49 -8.07
CA LEU C 194 -9.39 17.92 -8.09
C LEU C 194 -9.14 17.08 -9.34
N LEU C 195 -10.14 16.29 -9.72
CA LEU C 195 -10.02 15.42 -10.89
C LEU C 195 -9.75 16.26 -12.14
N VAL C 196 -10.59 17.25 -12.40
CA VAL C 196 -10.36 18.14 -13.54
C VAL C 196 -9.03 18.88 -13.41
N ALA C 197 -8.74 19.39 -12.21
CA ALA C 197 -7.51 20.16 -12.00
C ALA C 197 -6.26 19.32 -12.22
N TYR C 198 -6.27 18.07 -11.78
CA TYR C 198 -5.07 17.23 -11.92
C TYR C 198 -4.79 16.90 -13.39
N VAL C 199 -5.86 16.71 -14.17
CA VAL C 199 -5.71 16.47 -15.61
C VAL C 199 -5.08 17.70 -16.25
N ILE C 200 -5.68 18.87 -15.99
CA ILE C 200 -5.20 20.13 -16.55
C ILE C 200 -3.80 20.46 -16.06
N SER C 201 -3.58 20.33 -14.76
CA SER C 201 -2.37 20.88 -14.13
C SER C 201 -2.01 20.14 -12.84
N PRO C 202 -1.28 19.02 -12.96
CA PRO C 202 -0.82 18.36 -11.72
C PRO C 202 0.07 19.24 -10.84
N ARG C 203 0.82 20.17 -11.44
CA ARG C 203 1.63 21.11 -10.66
C ARG C 203 0.74 21.96 -9.74
N PHE C 204 -0.37 22.47 -10.27
CA PHE C 204 -1.30 23.28 -9.48
C PHE C 204 -1.84 22.49 -8.29
N VAL C 205 -2.20 21.24 -8.51
CA VAL C 205 -2.82 20.43 -7.47
C VAL C 205 -1.80 20.12 -6.37
N HIS C 206 -0.59 19.74 -6.76
CA HIS C 206 0.45 19.40 -5.80
C HIS C 206 0.91 20.60 -4.99
N ARG C 207 0.94 21.78 -5.62
CA ARG C 207 1.26 23.03 -4.92
C ARG C 207 0.14 23.35 -3.93
N PHE C 208 -1.09 23.26 -4.41
CA PHE C 208 -2.30 23.53 -3.64
C PHE C 208 -2.35 22.64 -2.38
N VAL C 209 -2.08 21.36 -2.55
CA VAL C 209 -2.06 20.45 -1.41
C VAL C 209 -0.93 20.83 -0.43
N GLY C 210 0.23 21.19 -0.95
CA GLY C 210 1.33 21.68 -0.11
C GLY C 210 0.98 22.89 0.76
N TYR C 211 0.22 23.83 0.19
CA TYR C 211 -0.23 25.00 0.94
C TYR C 211 -1.39 24.65 1.89
N LEU C 212 -2.19 23.64 1.55
CA LEU C 212 -3.17 23.08 2.51
C LEU C 212 -2.43 22.50 3.70
N GLU C 213 -1.33 21.79 3.43
CA GLU C 213 -0.61 21.11 4.48
C GLU C 213 0.18 22.09 5.35
N GLU C 214 0.59 23.23 4.79
CA GLU C 214 1.18 24.30 5.61
C GLU C 214 0.16 24.78 6.63
N GLU C 215 -1.07 24.97 6.16
CA GLU C 215 -2.15 25.40 7.02
C GLU C 215 -2.52 24.33 8.05
N ALA C 216 -2.46 23.07 7.66
CA ALA C 216 -2.75 21.96 8.57
C ALA C 216 -1.74 21.95 9.72
N VAL C 217 -0.48 22.15 9.38
CA VAL C 217 0.56 22.13 10.38
C VAL C 217 0.31 23.30 11.33
N ILE C 218 0.02 24.47 10.79
CA ILE C 218 -0.36 25.65 11.58
C ILE C 218 -1.51 25.33 12.55
N THR C 219 -2.58 24.75 12.04
CA THR C 219 -3.75 24.41 12.83
C THR C 219 -3.40 23.47 13.98
N TYR C 220 -2.66 22.41 13.67
CA TYR C 220 -2.36 21.39 14.68
C TYR C 220 -1.32 21.84 15.72
N THR C 221 -0.39 22.74 15.37
CA THR C 221 0.52 23.26 16.40
C THR C 221 -0.26 24.23 17.30
N GLY C 222 -1.20 24.97 16.71
CA GLY C 222 -2.15 25.82 17.46
C GLY C 222 -2.94 25.00 18.48
N VAL C 223 -3.40 23.81 18.07
CA VAL C 223 -4.08 22.90 19.00
C VAL C 223 -3.10 22.45 20.09
N MET C 224 -1.89 22.05 19.72
CA MET C 224 -0.89 21.61 20.70
C MET C 224 -0.54 22.70 21.74
N ARG C 225 -0.39 23.94 21.29
CA ARG C 225 -0.03 25.01 22.20
C ARG C 225 -1.24 25.53 23.01
N ALA C 226 -2.44 25.28 22.49
CA ALA C 226 -3.66 25.49 23.24
C ALA C 226 -3.74 24.49 24.38
N ILE C 227 -3.25 23.27 24.17
CA ILE C 227 -3.12 22.27 25.24
C ILE C 227 -2.02 22.66 26.25
N ASP C 228 -0.86 23.04 25.72
CA ASP C 228 0.25 23.47 26.55
C ASP C 228 -0.18 24.61 27.50
N GLU C 229 -1.08 25.45 27.01
CA GLU C 229 -1.53 26.65 27.67
C GLU C 229 -2.72 26.39 28.61
N GLY C 230 -3.16 25.15 28.69
CA GLY C 230 -4.33 24.77 29.49
C GLY C 230 -5.64 25.27 28.89
N ARG C 231 -5.57 25.83 27.69
CA ARG C 231 -6.72 26.46 27.02
C ARG C 231 -7.69 25.43 26.46
N LEU C 232 -7.20 24.24 26.13
CA LEU C 232 -8.07 23.11 25.82
C LEU C 232 -7.57 21.91 26.60
N ARG C 233 -8.51 21.13 27.14
CA ARG C 233 -8.22 20.12 28.15
C ARG C 233 -8.62 18.72 27.71
N PRO C 234 -7.75 18.04 26.93
CA PRO C 234 -7.96 16.62 26.72
C PRO C 234 -7.24 15.86 27.83
N THR C 235 -7.53 16.25 29.08
CA THR C 235 -6.83 15.75 30.27
C THR C 235 -7.03 14.24 30.44
N LYS C 236 -8.22 13.76 30.09
CA LYS C 236 -8.55 12.34 30.11
C LYS C 236 -7.88 11.60 28.94
N ASN C 237 -8.13 10.31 28.84
CA ASN C 237 -7.61 9.47 27.76
C ASN C 237 -8.55 9.46 26.54
N ASP C 238 -8.37 10.46 25.67
CA ASP C 238 -9.14 10.57 24.43
C ASP C 238 -8.33 10.09 23.22
N VAL C 239 -7.44 9.12 23.42
CA VAL C 239 -6.70 8.52 22.32
C VAL C 239 -7.33 7.17 21.96
N PRO C 240 -8.07 7.13 20.84
CA PRO C 240 -8.75 5.87 20.49
C PRO C 240 -7.76 4.79 20.07
N GLU C 241 -8.18 3.53 20.18
CA GLU C 241 -7.30 2.41 19.84
C GLU C 241 -6.91 2.36 18.35
N VAL C 242 -7.77 2.82 17.43
CA VAL C 242 -7.35 2.94 16.00
C VAL C 242 -6.03 3.69 15.88
N ALA C 243 -6.01 4.91 16.41
CA ALA C 243 -4.84 5.77 16.37
C ALA C 243 -3.70 5.15 17.15
N ARG C 244 -4.05 4.62 18.32
CA ARG C 244 -3.05 4.03 19.19
C ARG C 244 -2.21 3.00 18.42
N VAL C 245 -2.85 2.12 17.66
CA VAL C 245 -2.08 1.10 16.94
C VAL C 245 -1.57 1.64 15.59
N TYR C 246 -2.31 2.55 14.96
CA TYR C 246 -1.85 3.08 13.69
C TYR C 246 -0.48 3.76 13.82
N TRP C 247 -0.33 4.60 14.84
CA TRP C 247 0.89 5.34 15.09
C TRP C 247 1.84 4.64 16.07
N ASN C 248 1.48 3.44 16.52
CA ASN C 248 2.24 2.73 17.56
C ASN C 248 2.49 3.64 18.78
N LEU C 249 1.40 4.18 19.33
CA LEU C 249 1.44 4.97 20.57
C LEU C 249 1.33 4.06 21.79
N SER C 250 1.93 4.50 22.90
CA SER C 250 1.91 3.73 24.15
C SER C 250 0.64 4.02 24.93
N LYS C 251 0.44 3.28 26.02
CA LYS C 251 -0.74 3.45 26.87
C LYS C 251 -0.74 4.82 27.55
N ASN C 252 0.45 5.32 27.86
CA ASN C 252 0.63 6.64 28.47
C ASN C 252 0.54 7.83 27.50
N ALA C 253 0.20 7.58 26.22
CA ALA C 253 0.17 8.65 25.23
C ALA C 253 -1.00 9.59 25.49
N THR C 254 -0.73 10.89 25.39
CA THR C 254 -1.76 11.89 25.60
C THR C 254 -2.38 12.27 24.27
N PHE C 255 -3.47 13.02 24.33
CA PHE C 255 -4.09 13.57 23.15
C PHE C 255 -3.12 14.51 22.43
N ARG C 256 -2.18 15.08 23.17
CA ARG C 256 -1.21 16.02 22.61
C ARG C 256 -0.23 15.27 21.70
N ASP C 257 0.22 14.10 22.16
CA ASP C 257 1.02 13.18 21.33
C ASP C 257 0.29 12.82 20.05
N LEU C 258 -1.00 12.52 20.17
CA LEU C 258 -1.86 12.21 19.03
C LEU C 258 -1.84 13.34 18.00
N ILE C 259 -1.96 14.56 18.47
CA ILE C 259 -1.95 15.71 17.58
C ILE C 259 -0.55 15.95 17.01
N ASN C 260 0.46 15.63 17.82
CA ASN C 260 1.86 15.68 17.39
C ASN C 260 2.07 14.74 16.19
N VAL C 261 1.63 13.49 16.28
CA VAL C 261 1.86 12.53 15.19
C VAL C 261 1.06 12.91 13.94
N ILE C 262 -0.14 13.44 14.12
CA ILE C 262 -0.95 13.86 12.98
C ILE C 262 -0.26 15.02 12.30
N ARG C 263 0.32 15.91 13.09
CA ARG C 263 1.00 17.07 12.56
C ARG C 263 2.22 16.68 11.75
N ALA C 264 3.00 15.74 12.26
CA ALA C 264 4.15 15.21 11.52
C ALA C 264 3.71 14.57 10.20
N ASP C 265 2.61 13.82 10.20
CA ASP C 265 2.06 13.26 8.94
C ASP C 265 1.81 14.40 7.95
N GLU C 266 1.19 15.50 8.42
CA GLU C 266 0.88 16.63 7.56
C GLU C 266 2.14 17.26 7.00
N ALA C 267 3.16 17.41 7.85
CA ALA C 267 4.41 18.01 7.43
C ALA C 267 5.09 17.16 6.35
N GLU C 268 5.02 15.84 6.51
CA GLU C 268 5.44 14.91 5.46
C GLU C 268 4.70 15.21 4.15
N HIS C 269 3.39 15.37 4.20
CA HIS C 269 2.64 15.65 3.01
C HIS C 269 3.02 17.00 2.45
N ARG C 270 3.38 17.91 3.32
CA ARG C 270 3.75 19.25 2.93
C ARG C 270 5.02 19.20 2.07
N VAL C 271 6.04 18.50 2.55
CA VAL C 271 7.28 18.38 1.78
C VAL C 271 7.06 17.58 0.49
N VAL C 272 6.40 16.44 0.60
CA VAL C 272 6.23 15.56 -0.56
C VAL C 272 5.53 16.30 -1.70
N ASN C 273 4.41 16.97 -1.36
CA ASN C 273 3.61 17.63 -2.39
C ASN C 273 4.24 18.87 -2.99
N HIS C 274 5.03 19.61 -2.20
CA HIS C 274 5.75 20.75 -2.75
C HIS C 274 6.87 20.26 -3.64
N THR C 275 7.43 19.10 -3.31
CA THR C 275 8.47 18.48 -4.11
C THR C 275 7.89 18.01 -5.45
N PHE C 276 6.81 17.23 -5.41
CA PHE C 276 6.16 16.80 -6.65
C PHE C 276 5.91 18.04 -7.53
N ALA C 277 5.27 19.06 -6.96
CA ALA C 277 5.02 20.32 -7.67
C ALA C 277 6.29 20.86 -8.36
N ASP C 278 7.38 20.95 -7.60
CA ASP C 278 8.67 21.40 -8.14
C ASP C 278 9.14 20.53 -9.31
N MET C 279 8.91 19.23 -9.20
CA MET C 279 9.31 18.30 -10.25
C MET C 279 8.51 18.54 -11.51
N HIS C 280 7.19 18.72 -11.38
CA HIS C 280 6.40 19.07 -12.56
C HIS C 280 6.94 20.35 -13.20
N GLU C 281 7.16 21.38 -12.37
CA GLU C 281 7.68 22.67 -12.85
C GLU C 281 8.93 22.46 -13.69
N LYS C 282 9.82 21.58 -13.25
CA LYS C 282 11.05 21.26 -13.98
C LYS C 282 10.89 20.14 -15.04
N ARG C 283 9.66 19.74 -15.33
CA ARG C 283 9.34 18.61 -16.22
C ARG C 283 10.07 17.33 -15.81
N LEU C 284 9.96 17.00 -14.53
CA LEU C 284 10.46 15.75 -13.96
C LEU C 284 9.28 14.94 -13.42
N GLN C 285 8.14 15.05 -14.10
CA GLN C 285 6.92 14.35 -13.70
C GLN C 285 7.15 12.85 -13.65
N ASN C 286 7.99 12.35 -14.55
CA ASN C 286 8.29 10.91 -14.59
C ASN C 286 9.76 10.64 -14.40
N SER C 287 10.34 11.26 -13.39
CA SER C 287 11.58 10.77 -12.84
C SER C 287 11.26 10.02 -11.55
N VAL C 288 12.29 9.51 -10.90
CA VAL C 288 12.10 8.76 -9.67
C VAL C 288 11.48 9.65 -8.58
N ASN C 289 10.56 9.04 -7.82
CA ASN C 289 10.07 9.64 -6.60
C ASN C 289 11.24 9.66 -5.61
N PRO C 290 11.76 10.85 -5.28
CA PRO C 290 12.91 10.83 -4.39
C PRO C 290 12.61 10.17 -3.04
N PHE C 291 11.36 10.26 -2.61
CA PHE C 291 10.96 9.80 -1.29
C PHE C 291 10.98 8.29 -1.10
N VAL C 292 10.82 7.52 -2.17
CA VAL C 292 10.93 6.05 -2.04
C VAL C 292 12.33 5.62 -1.65
N VAL C 293 13.34 6.38 -2.08
CA VAL C 293 14.74 6.09 -1.74
C VAL C 293 15.11 6.74 -0.40
N LEU C 294 14.78 8.02 -0.25
CA LEU C 294 15.00 8.76 0.99
C LEU C 294 14.25 8.21 2.20
N LYS C 295 13.22 7.39 1.98
CA LYS C 295 12.50 6.74 3.08
C LYS C 295 13.25 5.50 3.56
N LYS C 296 13.88 4.79 2.62
CA LYS C 296 14.69 3.59 2.94
C LYS C 296 16.13 3.98 3.31
N ASN C 297 16.82 4.63 2.37
CA ASN C 297 18.28 4.84 2.41
C ASN C 297 19.03 3.51 2.48
N VAL D 32 48.30 52.95 20.02
CA VAL D 32 49.29 53.11 21.13
C VAL D 32 48.58 52.96 22.49
N TRP D 33 48.77 51.82 23.13
CA TRP D 33 48.22 51.58 24.47
C TRP D 33 49.25 50.83 25.31
N GLY D 34 50.26 51.56 25.79
CA GLY D 34 51.31 50.98 26.62
C GLY D 34 51.40 51.70 27.95
N HIS D 35 52.48 51.45 28.68
CA HIS D 35 52.64 51.95 30.06
C HIS D 35 52.38 53.45 30.22
N THR D 36 52.88 54.25 29.28
CA THR D 36 52.78 55.70 29.38
C THR D 36 51.32 56.18 29.23
N GLN D 37 50.51 55.43 28.49
CA GLN D 37 49.07 55.70 28.44
C GLN D 37 48.43 55.32 29.78
N LEU D 38 48.89 54.21 30.36
CA LEU D 38 48.38 53.70 31.64
C LEU D 38 48.79 54.51 32.84
N ASN D 39 49.86 55.30 32.69
CA ASN D 39 50.35 56.17 33.75
C ASN D 39 49.73 57.56 33.74
N ARG D 40 48.88 57.82 32.74
CA ARG D 40 48.14 59.06 32.69
C ARG D 40 47.03 59.04 33.73
N LEU D 41 46.73 60.19 34.31
CA LEU D 41 45.72 60.29 35.35
C LEU D 41 44.32 60.16 34.76
N SER D 42 44.11 60.79 33.62
CA SER D 42 42.79 60.93 33.01
C SER D 42 42.91 61.28 31.54
N PHE D 43 42.00 60.76 30.72
CA PHE D 43 41.96 61.10 29.29
C PHE D 43 40.83 62.06 28.98
N LEU D 44 40.35 62.75 30.01
CA LEU D 44 39.30 63.76 29.87
C LEU D 44 39.48 64.64 28.62
N GLU D 45 40.63 65.29 28.50
N GLU D 45 40.64 65.28 28.51
CA GLU D 45 40.84 66.25 27.43
CA GLU D 45 40.91 66.23 27.42
C GLU D 45 40.71 65.67 26.01
C GLU D 45 40.68 65.66 26.02
N THR D 46 40.66 64.34 25.89
CA THR D 46 40.47 63.69 24.58
C THR D 46 39.00 63.59 24.13
N VAL D 47 38.04 63.66 25.05
CA VAL D 47 36.64 63.46 24.67
C VAL D 47 36.15 64.47 23.60
N PRO D 48 36.55 65.75 23.69
CA PRO D 48 36.05 66.66 22.66
C PRO D 48 36.51 66.39 21.23
N VAL D 49 37.53 65.55 20.99
CA VAL D 49 37.96 65.22 19.62
C VAL D 49 37.76 63.75 19.20
N VAL D 50 37.08 62.96 20.02
CA VAL D 50 36.74 61.59 19.62
C VAL D 50 35.44 61.60 18.80
N PRO D 51 35.46 60.98 17.61
CA PRO D 51 34.27 61.04 16.79
C PRO D 51 33.26 60.01 17.25
N LEU D 52 31.99 60.28 16.92
CA LEU D 52 30.88 59.41 17.22
C LEU D 52 30.77 58.48 16.03
N ARG D 53 31.13 57.20 16.22
CA ARG D 53 31.02 56.22 15.14
C ARG D 53 30.03 55.13 15.51
N VAL D 54 29.19 54.82 14.55
CA VAL D 54 28.08 53.92 14.73
C VAL D 54 28.61 52.52 15.07
N SER D 55 29.82 52.21 14.59
CA SER D 55 30.53 50.96 14.92
C SER D 55 30.85 50.79 16.42
N ASP D 56 31.00 51.90 17.15
CA ASP D 56 31.34 51.87 18.58
C ASP D 56 30.13 51.67 19.54
N GLU D 57 28.91 51.54 19.00
CA GLU D 57 27.71 51.40 19.84
C GLU D 57 27.58 49.99 20.40
N SER D 58 28.19 49.03 19.71
CA SER D 58 28.26 47.65 20.17
C SER D 58 29.70 47.18 20.20
N SER D 59 29.94 46.13 20.99
CA SER D 59 31.12 45.30 20.87
C SER D 59 31.37 44.81 19.42
N GLU D 60 32.49 44.12 19.24
CA GLU D 60 32.84 43.47 17.96
C GLU D 60 32.11 42.16 17.70
N ASP D 61 31.46 41.63 18.72
CA ASP D 61 30.74 40.37 18.56
C ASP D 61 29.40 40.60 17.83
N ARG D 62 29.48 40.69 16.50
CA ARG D 62 28.35 41.01 15.64
C ARG D 62 27.74 39.78 15.00
N PRO D 63 26.43 39.83 14.68
CA PRO D 63 25.79 38.70 14.02
C PRO D 63 26.16 38.64 12.54
N THR D 64 26.33 37.43 12.01
CA THR D 64 26.79 37.27 10.64
C THR D 64 25.85 36.34 9.90
N TRP D 65 24.80 36.92 9.31
CA TRP D 65 23.78 36.13 8.66
C TRP D 65 23.88 36.26 7.14
N SER D 66 23.50 35.20 6.43
CA SER D 66 23.40 35.23 4.98
C SER D 66 21.93 35.26 4.67
N LEU D 67 21.44 36.34 4.07
CA LEU D 67 20.01 36.54 3.86
C LEU D 67 19.29 35.37 3.16
N PRO D 68 19.94 34.72 2.17
CA PRO D 68 19.30 33.53 1.55
C PRO D 68 19.12 32.36 2.51
N ASP D 69 20.00 32.25 3.50
CA ASP D 69 19.94 31.19 4.48
C ASP D 69 18.88 31.45 5.56
N ILE D 70 19.00 32.59 6.25
CA ILE D 70 18.07 32.94 7.33
C ILE D 70 16.67 33.25 6.83
N GLU D 71 16.49 33.35 5.51
CA GLU D 71 15.15 33.38 4.91
C GLU D 71 14.26 32.22 5.39
N ASN D 72 14.84 31.07 5.68
CA ASN D 72 14.06 29.89 6.08
C ASN D 72 13.99 29.66 7.59
N VAL D 73 14.32 30.68 8.38
CA VAL D 73 14.01 30.61 9.79
C VAL D 73 12.49 30.41 9.90
N ALA D 74 12.10 29.45 10.72
CA ALA D 74 10.71 29.01 10.80
C ALA D 74 10.15 29.14 12.23
N ILE D 75 8.83 29.04 12.32
CA ILE D 75 8.17 29.10 13.61
C ILE D 75 8.25 27.74 14.26
N THR D 76 8.87 27.69 15.43
CA THR D 76 8.93 26.45 16.21
C THR D 76 8.24 26.65 17.56
N HIS D 77 7.94 25.54 18.21
CA HIS D 77 7.38 25.55 19.56
C HIS D 77 7.92 24.38 20.36
N LYS D 78 8.47 24.66 21.56
CA LYS D 78 8.98 23.61 22.44
C LYS D 78 7.96 23.22 23.50
N LYS D 79 7.71 21.92 23.58
CA LYS D 79 6.84 21.31 24.56
C LYS D 79 7.26 21.60 26.00
N PRO D 80 6.37 22.18 26.81
CA PRO D 80 6.69 22.30 28.22
C PRO D 80 6.83 20.96 28.91
N ASN D 81 7.98 20.73 29.58
CA ASN D 81 8.17 19.57 30.42
C ASN D 81 7.93 20.04 31.85
N GLY D 82 6.75 19.77 32.39
CA GLY D 82 6.47 20.00 33.82
C GLY D 82 5.82 21.33 34.17
N LEU D 83 5.76 21.58 35.48
CA LEU D 83 5.08 22.75 36.04
C LEU D 83 5.77 24.06 35.70
N VAL D 84 7.10 24.06 35.81
CA VAL D 84 7.88 25.29 35.64
C VAL D 84 7.79 25.82 34.20
N ASP D 85 7.92 24.93 33.22
CA ASP D 85 7.81 25.31 31.80
C ASP D 85 6.38 25.77 31.48
N THR D 86 5.41 25.05 32.02
CA THR D 86 4.00 25.37 31.85
C THR D 86 3.70 26.77 32.40
N LEU D 87 4.14 27.06 33.62
CA LEU D 87 3.95 28.42 34.18
C LEU D 87 4.64 29.45 33.30
N ALA D 88 5.81 29.11 32.78
CA ALA D 88 6.53 30.02 31.90
C ALA D 88 5.73 30.23 30.60
N TYR D 89 5.18 29.15 30.05
CA TYR D 89 4.45 29.24 28.79
C TYR D 89 3.19 30.09 28.97
N ARG D 90 2.37 29.74 29.96
CA ARG D 90 1.16 30.53 30.28
C ARG D 90 1.47 32.00 30.55
N SER D 91 2.59 32.29 31.18
CA SER D 91 2.93 33.70 31.41
C SER D 91 3.14 34.46 30.10
N VAL D 92 3.99 33.92 29.21
CA VAL D 92 4.27 34.61 27.93
C VAL D 92 2.96 34.79 27.15
N ARG D 93 2.14 33.76 27.18
CA ARG D 93 0.89 33.69 26.43
C ARG D 93 -0.16 34.67 26.93
N THR D 94 -0.29 34.78 28.23
CA THR D 94 -1.19 35.76 28.81
C THR D 94 -0.67 37.13 28.47
N CYS D 95 0.64 37.32 28.60
CA CYS D 95 1.26 38.58 28.16
C CYS D 95 1.00 38.90 26.69
N ARG D 96 1.22 37.94 25.82
CA ARG D 96 0.96 38.12 24.38
C ARG D 96 -0.48 38.61 24.20
N TRP D 97 -1.41 37.86 24.76
CA TRP D 97 -2.83 38.15 24.60
C TRP D 97 -3.13 39.55 25.13
N LEU D 98 -2.78 39.82 26.38
CA LEU D 98 -3.07 41.14 26.96
C LEU D 98 -2.42 42.28 26.17
N PHE D 99 -1.14 42.14 25.87
CA PHE D 99 -0.44 43.17 25.11
C PHE D 99 -1.06 43.34 23.72
N ASP D 100 -1.48 42.25 23.09
CA ASP D 100 -2.07 42.34 21.74
C ASP D 100 -3.40 43.07 21.73
N THR D 101 -4.29 42.77 22.68
CA THR D 101 -5.61 43.43 22.70
C THR D 101 -5.49 44.90 23.13
N PHE D 102 -4.72 45.17 24.18
CA PHE D 102 -4.56 46.56 24.66
C PHE D 102 -3.72 47.45 23.75
N SER D 103 -2.95 46.85 22.83
CA SER D 103 -2.22 47.63 21.83
C SER D 103 -2.98 47.72 20.52
N LEU D 104 -4.10 47.00 20.42
CA LEU D 104 -4.96 47.00 19.24
C LEU D 104 -4.18 46.53 17.99
N TYR D 105 -3.25 45.60 18.18
CA TYR D 105 -2.39 45.15 17.08
C TYR D 105 -3.22 44.54 15.95
N ARG D 106 -4.23 43.74 16.32
CA ARG D 106 -5.15 43.13 15.35
C ARG D 106 -6.38 43.99 15.01
N PHE D 107 -6.45 45.21 15.52
CA PHE D 107 -7.59 46.08 15.24
C PHE D 107 -7.28 46.94 14.03
N GLY D 108 -7.89 46.59 12.90
CA GLY D 108 -7.61 47.24 11.62
C GLY D 108 -6.49 46.54 10.86
N SER D 109 -6.09 47.13 9.73
CA SER D 109 -4.99 46.61 8.93
C SER D 109 -3.64 46.74 9.63
N ILE D 110 -2.69 45.91 9.23
CA ILE D 110 -1.31 46.04 9.68
C ILE D 110 -0.72 47.32 9.07
N THR D 111 -0.14 48.17 9.90
CA THR D 111 0.60 49.33 9.41
C THR D 111 2.03 49.24 9.86
N GLU D 112 2.91 49.86 9.07
CA GLU D 112 4.29 50.06 9.43
C GLU D 112 4.39 50.75 10.80
N SER D 113 3.53 51.74 11.04
CA SER D 113 3.48 52.44 12.33
C SER D 113 3.21 51.48 13.48
N LYS D 114 2.21 50.62 13.33
CA LYS D 114 1.91 49.63 14.38
C LYS D 114 3.07 48.67 14.61
N VAL D 115 3.74 48.21 13.54
CA VAL D 115 4.86 47.29 13.69
C VAL D 115 6.02 47.92 14.47
N ILE D 116 6.39 49.14 14.11
CA ILE D 116 7.56 49.78 14.73
C ILE D 116 7.27 50.21 16.16
N SER D 117 6.09 50.74 16.40
CA SER D 117 5.68 51.09 17.77
C SER D 117 5.74 49.86 18.68
N ARG D 118 5.24 48.74 18.19
CA ARG D 118 5.22 47.50 18.95
C ARG D 118 6.66 47.10 19.25
N CYS D 119 7.48 47.01 18.20
CA CYS D 119 8.83 46.47 18.32
C CYS D 119 9.73 47.36 19.16
N LEU D 120 9.60 48.66 18.95
CA LEU D 120 10.26 49.65 19.79
C LEU D 120 9.92 49.38 21.26
N PHE D 121 8.63 49.24 21.59
CA PHE D 121 8.25 48.97 22.96
C PHE D 121 8.82 47.63 23.44
N LEU D 122 8.53 46.55 22.70
CA LEU D 122 8.93 45.23 23.14
C LEU D 122 10.44 45.03 23.26
N GLU D 123 11.21 45.62 22.35
CA GLU D 123 12.65 45.43 22.34
C GLU D 123 13.30 46.10 23.57
N THR D 124 12.67 47.16 24.06
CA THR D 124 12.96 47.75 25.37
C THR D 124 13.02 46.68 26.48
N VAL D 125 12.07 45.77 26.48
CA VAL D 125 12.01 44.74 27.50
C VAL D 125 12.94 43.56 27.16
N ALA D 126 13.12 43.27 25.88
CA ALA D 126 13.88 42.08 25.47
C ALA D 126 15.35 42.20 25.87
N GLY D 127 15.79 43.44 26.08
CA GLY D 127 17.14 43.73 26.48
C GLY D 127 17.48 43.34 27.91
N VAL D 128 16.46 43.04 28.72
CA VAL D 128 16.69 42.89 30.16
C VAL D 128 17.11 41.48 30.64
N PRO D 129 16.46 40.42 30.14
CA PRO D 129 16.81 39.14 30.77
C PRO D 129 18.29 38.75 30.65
N GLY D 130 18.90 39.02 29.50
CA GLY D 130 20.26 38.56 29.25
C GLY D 130 21.21 39.20 30.21
N MET D 131 21.03 40.51 30.36
CA MET D 131 21.76 41.30 31.33
C MET D 131 21.56 40.79 32.77
N VAL D 132 20.35 40.37 33.12
CA VAL D 132 20.10 39.83 34.46
C VAL D 132 20.80 38.50 34.67
N GLY D 133 20.65 37.58 33.73
CA GLY D 133 21.24 36.27 33.88
C GLY D 133 22.76 36.32 33.82
N GLY D 134 23.27 37.15 32.91
CA GLY D 134 24.70 37.42 32.80
C GLY D 134 25.26 37.99 34.07
N MET D 135 24.63 39.06 34.59
CA MET D 135 25.06 39.67 35.85
C MET D 135 25.06 38.67 37.02
N LEU D 136 23.98 37.94 37.22
CA LEU D 136 23.92 36.98 38.32
C LEU D 136 24.95 35.85 38.20
N ARG D 137 25.12 35.33 36.98
CA ARG D 137 26.13 34.29 36.75
C ARG D 137 27.52 34.77 37.08
N HIS D 138 27.78 36.01 36.67
CA HIS D 138 29.01 36.72 36.97
C HIS D 138 29.22 36.79 38.48
N LEU D 139 28.19 37.27 39.18
CA LEU D 139 28.24 37.37 40.62
C LEU D 139 28.50 36.03 41.28
N SER D 140 27.89 34.97 40.74
CA SER D 140 28.07 33.61 41.29
C SER D 140 29.49 33.09 41.10
N SER D 141 30.01 33.28 39.89
CA SER D 141 31.39 32.94 39.60
C SER D 141 32.35 33.63 40.58
N LEU D 142 32.09 34.89 40.88
CA LEU D 142 32.96 35.63 41.82
C LEU D 142 32.85 35.14 43.27
N ARG D 143 31.65 34.87 43.77
CA ARG D 143 31.52 34.50 45.18
C ARG D 143 31.86 33.05 45.46
N TYR D 144 31.65 32.18 44.48
CA TYR D 144 31.98 30.78 44.65
C TYR D 144 33.37 30.46 44.10
N MET D 145 33.92 31.34 43.26
CA MET D 145 35.23 31.12 42.62
C MET D 145 35.16 29.85 41.81
N THR D 146 34.32 29.90 40.77
CA THR D 146 34.00 28.78 39.94
C THR D 146 34.03 29.24 38.49
N ARG D 147 34.58 28.38 37.65
CA ARG D 147 34.56 28.60 36.21
C ARG D 147 33.14 28.67 35.72
N ASP D 148 32.82 29.70 34.94
CA ASP D 148 31.46 29.88 34.44
C ASP D 148 31.26 29.12 33.12
N LYS D 149 32.34 28.99 32.34
CA LYS D 149 32.39 28.11 31.17
C LYS D 149 31.60 28.66 29.98
N GLY D 150 31.65 29.97 29.79
CA GLY D 150 31.17 30.58 28.57
C GLY D 150 29.76 31.13 28.54
N TRP D 151 28.98 30.89 29.58
CA TRP D 151 27.60 31.38 29.62
C TRP D 151 27.50 32.93 29.69
N ILE D 152 28.29 33.54 30.55
CA ILE D 152 28.16 34.99 30.80
C ILE D 152 28.26 35.80 29.50
N ASN D 153 29.32 35.57 28.72
CA ASN D 153 29.47 36.30 27.47
C ASN D 153 28.29 36.06 26.55
N THR D 154 27.76 34.83 26.48
CA THR D 154 26.60 34.61 25.61
C THR D 154 25.39 35.44 26.06
N LEU D 155 25.08 35.39 27.35
CA LEU D 155 23.92 36.12 27.87
C LEU D 155 24.06 37.62 27.71
N LEU D 156 25.26 38.10 27.92
CA LEU D 156 25.52 39.52 27.80
C LEU D 156 25.52 39.99 26.32
N VAL D 157 25.88 39.14 25.33
CA VAL D 157 25.82 39.62 23.92
C VAL D 157 24.37 39.58 23.42
N GLU D 158 23.61 38.56 23.83
CA GLU D 158 22.16 38.55 23.59
C GLU D 158 21.52 39.84 24.08
N ALA D 159 21.89 40.26 25.29
CA ALA D 159 21.38 41.54 25.86
C ALA D 159 21.78 42.70 24.99
N GLU D 160 23.07 42.73 24.62
CA GLU D 160 23.56 43.78 23.74
C GLU D 160 22.82 43.77 22.39
N ASN D 161 22.53 42.57 21.89
CA ASN D 161 21.86 42.37 20.60
C ASN D 161 20.41 42.85 20.64
N GLU D 162 19.68 42.50 21.69
CA GLU D 162 18.34 43.06 21.88
C GLU D 162 18.39 44.57 22.02
N ARG D 163 19.43 45.10 22.66
CA ARG D 163 19.55 46.55 22.72
C ARG D 163 19.85 47.18 21.34
N MET D 164 20.62 46.49 20.50
CA MET D 164 20.86 46.96 19.13
C MET D 164 19.61 46.87 18.25
N HIS D 165 18.71 45.95 18.57
CA HIS D 165 17.41 45.95 17.94
C HIS D 165 16.70 47.25 18.26
N LEU D 166 16.66 47.60 19.53
CA LEU D 166 16.12 48.87 20.01
C LEU D 166 16.79 50.06 19.37
N MET D 167 18.12 50.08 19.39
CA MET D 167 18.88 51.18 18.76
C MET D 167 18.53 51.36 17.28
N THR D 168 18.03 50.31 16.61
CA THR D 168 17.60 50.43 15.22
C THR D 168 16.21 51.05 15.11
N PHE D 169 15.26 50.49 15.85
CA PHE D 169 13.89 50.97 15.83
C PHE D 169 13.77 52.42 16.30
N ILE D 170 14.58 52.85 17.25
CA ILE D 170 14.55 54.28 17.60
C ILE D 170 14.94 55.19 16.41
N GLU D 171 15.72 54.69 15.45
CA GLU D 171 16.02 55.46 14.24
C GLU D 171 14.82 55.60 13.32
N LEU D 172 13.84 54.70 13.46
CA LEU D 172 12.70 54.63 12.55
C LEU D 172 11.46 55.33 13.10
N ARG D 173 11.32 55.37 14.42
CA ARG D 173 10.21 56.06 15.08
C ARG D 173 10.63 56.56 16.45
N GLN D 174 10.32 57.82 16.73
CA GLN D 174 10.77 58.46 17.96
C GLN D 174 9.57 58.74 18.84
N PRO D 175 9.43 58.00 19.94
CA PRO D 175 8.15 57.91 20.61
C PRO D 175 7.77 59.16 21.42
N GLY D 176 6.49 59.28 21.74
CA GLY D 176 5.99 60.41 22.51
C GLY D 176 6.13 60.15 24.00
N LEU D 177 5.81 61.17 24.79
CA LEU D 177 5.80 61.10 26.24
C LEU D 177 5.07 59.88 26.78
N PRO D 178 3.82 59.69 26.37
CA PRO D 178 3.06 58.55 26.92
C PRO D 178 3.79 57.20 26.86
N LEU D 179 4.34 56.86 25.70
CA LEU D 179 5.05 55.60 25.53
C LEU D 179 6.37 55.63 26.31
N ARG D 180 7.03 56.78 26.33
CA ARG D 180 8.22 56.93 27.14
C ARG D 180 7.95 56.57 28.59
N VAL D 181 6.83 57.10 29.13
CA VAL D 181 6.44 56.82 30.52
C VAL D 181 6.25 55.33 30.69
N SER D 182 5.45 54.72 29.82
CA SER D 182 5.13 53.27 29.92
C SER D 182 6.33 52.31 29.79
N ILE D 183 7.38 52.79 29.13
CA ILE D 183 8.59 51.99 28.93
C ILE D 183 9.41 52.02 30.24
N ILE D 184 9.45 53.18 30.88
CA ILE D 184 10.12 53.35 32.17
C ILE D 184 9.42 52.55 33.25
N ILE D 185 8.09 52.64 33.29
CA ILE D 185 7.32 51.84 34.23
C ILE D 185 7.49 50.37 33.94
N THR D 186 7.52 50.02 32.65
CA THR D 186 7.57 48.60 32.30
C THR D 186 8.89 47.96 32.73
N GLN D 187 9.98 48.73 32.70
CA GLN D 187 11.30 48.20 33.10
C GLN D 187 11.42 47.99 34.60
N ALA D 188 10.95 48.96 35.39
CA ALA D 188 10.89 48.79 36.84
C ALA D 188 10.27 47.43 37.14
N ILE D 189 9.10 47.19 36.58
CA ILE D 189 8.38 45.95 36.85
C ILE D 189 9.16 44.73 36.37
N MET D 190 9.60 44.77 35.12
CA MET D 190 10.20 43.60 34.49
C MET D 190 11.60 43.31 35.01
N TYR D 191 12.33 44.35 35.43
CA TYR D 191 13.67 44.15 36.00
C TYR D 191 13.55 43.47 37.39
N LEU D 192 12.73 44.02 38.27
CA LEU D 192 12.41 43.36 39.53
C LEU D 192 12.05 41.91 39.32
N PHE D 193 11.05 41.69 38.47
CA PHE D 193 10.51 40.36 38.20
C PHE D 193 11.57 39.36 37.70
N LEU D 194 12.35 39.77 36.69
CA LEU D 194 13.36 38.86 36.13
C LEU D 194 14.51 38.65 37.12
N LEU D 195 14.77 39.66 37.93
CA LEU D 195 15.80 39.57 38.95
C LEU D 195 15.40 38.52 39.97
N VAL D 196 14.21 38.66 40.57
CA VAL D 196 13.73 37.65 41.53
C VAL D 196 13.54 36.25 40.90
N ALA D 197 12.95 36.20 39.71
CA ALA D 197 12.74 34.89 39.09
C ALA D 197 14.07 34.18 38.79
N TYR D 198 15.10 34.93 38.38
CA TYR D 198 16.40 34.33 38.07
C TYR D 198 17.05 33.81 39.34
N VAL D 199 16.95 34.55 40.44
CA VAL D 199 17.46 34.09 41.74
C VAL D 199 16.73 32.82 42.15
N ILE D 200 15.40 32.78 41.98
CA ILE D 200 14.58 31.62 42.42
C ILE D 200 14.62 30.45 41.45
N SER D 201 14.62 30.74 40.16
CA SER D 201 14.56 29.68 39.15
C SER D 201 15.17 30.18 37.86
N PRO D 202 16.49 30.02 37.72
CA PRO D 202 17.10 30.39 36.44
C PRO D 202 16.44 29.64 35.29
N ARG D 203 16.02 28.40 35.58
CA ARG D 203 15.34 27.58 34.59
C ARG D 203 14.05 28.22 34.08
N PHE D 204 13.28 28.76 35.00
CA PHE D 204 12.03 29.43 34.65
C PHE D 204 12.29 30.60 33.71
N VAL D 205 13.32 31.39 34.01
CA VAL D 205 13.57 32.58 33.21
C VAL D 205 14.06 32.20 31.82
N HIS D 206 14.92 31.20 31.73
CA HIS D 206 15.45 30.78 30.43
C HIS D 206 14.36 30.20 29.54
N ARG D 207 13.37 29.55 30.16
CA ARG D 207 12.25 29.00 29.44
C ARG D 207 11.31 30.09 28.98
N PHE D 208 11.05 31.05 29.87
CA PHE D 208 10.25 32.24 29.57
C PHE D 208 10.85 33.04 28.41
N VAL D 209 12.17 33.13 28.37
CA VAL D 209 12.83 33.79 27.24
C VAL D 209 12.69 32.91 25.98
N GLY D 210 12.80 31.59 26.11
CA GLY D 210 12.54 30.71 24.97
C GLY D 210 11.19 31.00 24.34
N TYR D 211 10.18 31.12 25.20
CA TYR D 211 8.82 31.32 24.75
C TYR D 211 8.57 32.71 24.21
N LEU D 212 9.09 33.73 24.89
CA LEU D 212 9.17 35.08 24.33
C LEU D 212 9.62 35.00 22.87
N GLU D 213 10.74 34.33 22.63
CA GLU D 213 11.36 34.36 21.31
C GLU D 213 10.55 33.59 20.27
N GLU D 214 9.87 32.51 20.68
CA GLU D 214 8.97 31.82 19.79
C GLU D 214 7.94 32.78 19.24
N GLU D 215 7.42 33.61 20.14
CA GLU D 215 6.44 34.63 19.81
C GLU D 215 7.05 35.75 18.97
N ALA D 216 8.27 36.17 19.29
CA ALA D 216 8.95 37.19 18.51
C ALA D 216 9.16 36.75 17.05
N VAL D 217 9.53 35.48 16.86
CA VAL D 217 9.70 34.92 15.53
C VAL D 217 8.36 34.87 14.78
N ILE D 218 7.28 34.54 15.47
CA ILE D 218 5.96 34.57 14.85
C ILE D 218 5.68 35.99 14.36
N THR D 219 5.80 36.96 15.26
CA THR D 219 5.56 38.36 14.93
C THR D 219 6.40 38.85 13.74
N TYR D 220 7.69 38.57 13.77
CA TYR D 220 8.55 39.05 12.68
C TYR D 220 8.27 38.30 11.37
N THR D 221 7.95 37.02 11.44
CA THR D 221 7.59 36.29 10.22
C THR D 221 6.34 36.92 9.56
N GLY D 222 5.32 37.19 10.37
CA GLY D 222 4.11 37.86 9.91
C GLY D 222 4.39 39.15 9.19
N VAL D 223 5.34 39.93 9.71
CA VAL D 223 5.69 41.20 9.07
C VAL D 223 6.33 40.97 7.72
N MET D 224 7.22 39.99 7.63
CA MET D 224 7.81 39.65 6.35
C MET D 224 6.75 39.18 5.34
N ARG D 225 5.83 38.31 5.78
CA ARG D 225 4.76 37.80 4.92
C ARG D 225 3.83 38.92 4.45
N ALA D 226 3.55 39.86 5.35
CA ALA D 226 2.70 40.99 5.06
C ALA D 226 3.34 41.89 4.02
N ILE D 227 4.67 41.99 4.06
CA ILE D 227 5.39 42.69 3.02
C ILE D 227 5.29 41.92 1.70
N ASP D 228 5.59 40.63 1.72
CA ASP D 228 5.54 39.83 0.50
C ASP D 228 4.17 39.83 -0.15
N GLU D 229 3.12 39.74 0.68
CA GLU D 229 1.74 39.75 0.21
C GLU D 229 1.27 41.14 -0.23
N GLY D 230 1.98 42.20 0.15
CA GLY D 230 1.61 43.56 -0.24
C GLY D 230 0.69 44.29 0.72
N ARG D 231 0.38 43.68 1.88
CA ARG D 231 -0.44 44.33 2.91
C ARG D 231 0.33 45.44 3.64
N LEU D 232 1.64 45.32 3.61
CA LEU D 232 2.53 46.26 4.27
C LEU D 232 3.48 46.80 3.21
N ARG D 233 3.55 48.13 3.10
CA ARG D 233 4.51 48.78 2.20
C ARG D 233 5.34 49.74 3.04
N PRO D 234 6.45 49.23 3.61
CA PRO D 234 7.38 50.06 4.35
C PRO D 234 7.99 51.23 3.56
N THR D 235 7.90 52.42 4.13
CA THR D 235 8.66 53.56 3.64
C THR D 235 10.03 53.73 4.33
N LYS D 236 10.40 52.81 5.22
CA LYS D 236 11.69 52.91 5.93
C LYS D 236 12.65 51.85 5.38
N ASN D 237 12.98 51.95 4.10
CA ASN D 237 13.88 50.99 3.45
C ASN D 237 15.29 51.57 3.35
N ASP D 238 15.42 52.79 3.84
CA ASP D 238 16.68 53.41 4.12
C ASP D 238 17.04 52.89 5.51
N VAL D 239 17.55 51.66 5.57
CA VAL D 239 17.88 51.01 6.84
C VAL D 239 18.98 51.80 7.53
N PRO D 240 18.79 52.12 8.82
CA PRO D 240 19.72 53.05 9.47
C PRO D 240 21.13 52.52 9.48
N GLU D 241 22.07 53.45 9.55
CA GLU D 241 23.48 53.14 9.57
C GLU D 241 23.92 52.26 10.74
N VAL D 242 23.46 52.51 11.96
CA VAL D 242 23.80 51.61 13.09
C VAL D 242 23.64 50.17 12.71
N ALA D 243 22.53 49.89 12.01
CA ALA D 243 22.10 48.53 11.68
C ALA D 243 22.83 47.95 10.47
N ARG D 244 23.08 48.78 9.46
CA ARG D 244 23.86 48.34 8.32
C ARG D 244 25.21 47.82 8.80
N VAL D 245 25.89 48.55 9.66
CA VAL D 245 27.19 48.06 10.12
C VAL D 245 27.09 46.95 11.17
N TYR D 246 26.06 46.97 12.03
CA TYR D 246 25.89 45.88 13.02
C TYR D 246 25.64 44.51 12.39
N TRP D 247 24.82 44.46 11.35
CA TRP D 247 24.54 43.21 10.66
C TRP D 247 25.29 43.04 9.33
N ASN D 248 26.14 44.02 9.00
CA ASN D 248 26.89 44.03 7.73
C ASN D 248 25.98 43.88 6.51
N LEU D 249 24.97 44.73 6.45
CA LEU D 249 24.01 44.76 5.35
C LEU D 249 24.47 45.77 4.32
N SER D 250 24.39 45.42 3.05
CA SER D 250 24.84 46.32 1.98
C SER D 250 23.88 47.49 1.86
N LYS D 251 24.29 48.48 1.06
CA LYS D 251 23.54 49.73 0.88
C LYS D 251 22.13 49.53 0.31
N ASN D 252 21.94 48.42 -0.41
CA ASN D 252 20.63 48.09 -1.01
C ASN D 252 19.67 47.33 -0.09
N ALA D 253 20.03 47.16 1.18
CA ALA D 253 19.19 46.43 2.13
C ALA D 253 17.88 47.17 2.35
N THR D 254 16.78 46.44 2.37
CA THR D 254 15.46 46.99 2.62
C THR D 254 15.03 46.72 4.07
N PHE D 255 13.92 47.33 4.45
CA PHE D 255 13.28 47.09 5.74
C PHE D 255 13.07 45.59 5.95
N ARG D 256 12.66 44.91 4.89
CA ARG D 256 12.41 43.47 4.95
C ARG D 256 13.66 42.67 5.30
N ASP D 257 14.80 43.09 4.76
CA ASP D 257 16.07 42.46 5.07
C ASP D 257 16.44 42.68 6.54
N LEU D 258 16.02 43.84 7.08
CA LEU D 258 16.23 44.19 8.49
C LEU D 258 15.43 43.27 9.40
N ILE D 259 14.16 43.13 9.11
CA ILE D 259 13.28 42.22 9.86
C ILE D 259 13.81 40.80 9.78
N ASN D 260 14.40 40.45 8.64
CA ASN D 260 14.93 39.11 8.41
C ASN D 260 16.09 38.83 9.37
N VAL D 261 17.04 39.76 9.46
CA VAL D 261 18.19 39.60 10.36
C VAL D 261 17.77 39.70 11.85
N ILE D 262 16.96 40.69 12.19
CA ILE D 262 16.42 40.75 13.55
C ILE D 262 15.70 39.44 13.89
N ARG D 263 14.94 38.89 12.94
CA ARG D 263 14.26 37.62 13.18
C ARG D 263 15.22 36.47 13.48
N ALA D 264 16.30 36.39 12.71
CA ALA D 264 17.29 35.32 12.89
C ALA D 264 17.91 35.41 14.28
N ASP D 265 18.26 36.63 14.68
CA ASP D 265 18.69 36.92 16.05
C ASP D 265 17.72 36.31 17.08
N GLU D 266 16.43 36.56 16.88
CA GLU D 266 15.42 36.09 17.83
C GLU D 266 15.39 34.57 17.88
N ALA D 267 15.63 33.94 16.73
CA ALA D 267 15.64 32.48 16.63
C ALA D 267 16.86 31.89 17.31
N GLU D 268 17.96 32.61 17.27
CA GLU D 268 19.14 32.19 18.03
C GLU D 268 18.84 32.24 19.54
N HIS D 269 18.25 33.35 19.99
CA HIS D 269 17.93 33.50 21.41
C HIS D 269 16.94 32.46 21.83
N ARG D 270 15.99 32.19 20.92
CA ARG D 270 15.02 31.12 21.15
C ARG D 270 15.69 29.81 21.53
N VAL D 271 16.52 29.27 20.64
CA VAL D 271 17.13 27.95 20.86
C VAL D 271 18.19 28.01 21.93
N VAL D 272 18.92 29.14 22.02
CA VAL D 272 19.93 29.32 23.05
C VAL D 272 19.27 29.21 24.43
N ASN D 273 18.27 30.06 24.70
CA ASN D 273 17.64 30.06 26.02
C ASN D 273 16.85 28.78 26.33
N HIS D 274 16.32 28.13 25.29
CA HIS D 274 15.61 26.84 25.50
C HIS D 274 16.62 25.75 25.76
N THR D 275 17.83 25.93 25.28
CA THR D 275 18.91 25.03 25.62
C THR D 275 19.37 25.25 27.07
N PHE D 276 19.60 26.51 27.43
CA PHE D 276 19.98 26.83 28.81
C PHE D 276 18.92 26.35 29.84
N ALA D 277 17.63 26.47 29.51
CA ALA D 277 16.60 25.95 30.41
C ALA D 277 16.65 24.43 30.52
N ASP D 278 16.97 23.75 29.42
CA ASP D 278 17.09 22.30 29.42
C ASP D 278 18.27 21.85 30.28
N MET D 279 19.33 22.64 30.27
CA MET D 279 20.54 22.33 31.04
C MET D 279 20.24 22.47 32.54
N HIS D 280 19.61 23.56 32.95
CA HIS D 280 19.17 23.65 34.35
C HIS D 280 18.30 22.47 34.76
N GLU D 281 17.35 22.12 33.92
CA GLU D 281 16.53 20.92 34.13
C GLU D 281 17.34 19.67 34.44
N LYS D 282 18.40 19.44 33.66
CA LYS D 282 19.24 18.24 33.82
C LYS D 282 20.40 18.45 34.80
N ARG D 283 20.30 19.50 35.62
CA ARG D 283 21.35 19.84 36.57
C ARG D 283 22.69 20.08 35.87
N LEU D 284 22.64 20.76 34.72
CA LEU D 284 23.84 21.06 33.95
C LEU D 284 24.17 22.56 33.95
N GLN D 285 23.74 23.30 34.97
CA GLN D 285 24.03 24.75 35.10
C GLN D 285 25.51 25.02 35.01
N ASN D 286 26.33 24.08 35.52
CA ASN D 286 27.78 24.28 35.60
C ASN D 286 28.55 23.43 34.59
N SER D 287 27.88 23.04 33.52
CA SER D 287 28.54 22.40 32.39
C SER D 287 28.92 23.49 31.40
N VAL D 288 29.61 23.15 30.31
CA VAL D 288 30.07 24.21 29.42
C VAL D 288 28.88 24.71 28.58
N ASN D 289 28.87 26.00 28.28
CA ASN D 289 27.89 26.54 27.32
C ASN D 289 28.15 25.86 25.96
N PRO D 290 27.21 25.03 25.48
CA PRO D 290 27.55 24.33 24.24
C PRO D 290 27.77 25.25 23.04
N PHE D 291 27.25 26.47 23.10
CA PHE D 291 27.39 27.43 22.00
C PHE D 291 28.75 28.09 21.88
N VAL D 292 29.59 28.04 22.92
CA VAL D 292 30.91 28.69 22.83
C VAL D 292 31.82 28.04 21.80
N VAL D 293 31.54 26.79 21.46
CA VAL D 293 32.14 26.15 20.30
C VAL D 293 32.19 27.16 19.16
N LEU D 294 31.02 27.67 18.76
CA LEU D 294 30.85 28.83 17.87
C LEU D 294 29.52 28.70 17.13
#